data_3GYS
#
_entry.id   3GYS
#
_cell.length_a   86.022
_cell.length_b   96.465
_cell.length_c   146.345
_cell.angle_alpha   90.00
_cell.angle_beta   90.00
_cell.angle_gamma   90.00
#
_symmetry.space_group_name_H-M   'P 21 21 21'
#
loop_
_entity.id
_entity.type
_entity.pdbx_description
1 polymer 'Hemoglobin subunit alpha'
2 polymer 'Hemoglobin subunit beta-A/B'
3 non-polymer 'PROTOPORPHYRIN IX CONTAINING FE'
4 water water
#
loop_
_entity_poly.entity_id
_entity_poly.type
_entity_poly.pdbx_seq_one_letter_code
_entity_poly.pdbx_strand_id
1 'polypeptide(L)'
;VLSAADKSNVKACWGKIGSHAGEYGAEALERTFCSFPTTKTYFPHFDLSHGSAQVKAHGQKVADALTQAVAHMDDLPTAM
SALSDLHAYKLRVDPVNFKFLSHCLLVTLACHHPAEFTPAVHASLDKFFSAVSTVLTSKYR
;
A,C,E,G
2 'polypeptide(L)'
;FLTAEEKGLVNGLWGKVNVDEVGGEALGRLLVVYPWTQRFFESFGDLSSADAIMSNAKVKAHGKKVLNSFSDGLKNIDDL
KGAFAKLSELHCDKLHVDPENFRLLGNVLVCVLAHHFGHDFNPQVQAAFQKVVAGVANALAHKYH
;
B,D,F,H
#
loop_
_chem_comp.id
_chem_comp.type
_chem_comp.name
_chem_comp.formula
HEM non-polymer 'PROTOPORPHYRIN IX CONTAINING FE' 'C34 H32 Fe N4 O4'
#
# COMPACT_ATOMS: atom_id res chain seq x y z
N VAL A 1 25.71 -25.18 9.95
CA VAL A 1 24.37 -24.52 10.01
C VAL A 1 23.35 -25.36 9.21
N LEU A 2 22.47 -26.07 9.91
CA LEU A 2 21.41 -26.89 9.26
C LEU A 2 21.84 -28.33 9.04
N SER A 3 21.77 -29.14 10.11
CA SER A 3 22.11 -30.57 10.03
C SER A 3 21.13 -31.29 9.10
N ALA A 4 21.27 -32.60 8.93
CA ALA A 4 20.31 -33.32 8.09
C ALA A 4 19.07 -33.48 8.92
N ALA A 5 19.26 -33.51 10.23
CA ALA A 5 18.15 -33.61 11.16
C ALA A 5 17.25 -32.38 11.01
N ASP A 6 17.89 -31.22 10.75
CA ASP A 6 17.23 -29.94 10.55
C ASP A 6 16.39 -29.90 9.30
N LYS A 7 16.87 -30.50 8.22
CA LYS A 7 16.16 -30.49 6.93
C LYS A 7 14.91 -31.41 6.88
N SER A 8 15.00 -32.61 7.45
CA SER A 8 13.79 -33.40 7.65
C SER A 8 12.77 -32.48 8.29
N ASN A 9 13.03 -32.06 9.52
CA ASN A 9 12.13 -31.16 10.22
C ASN A 9 11.45 -30.12 9.32
N VAL A 10 12.20 -29.29 8.62
CA VAL A 10 11.63 -28.20 7.82
C VAL A 10 10.69 -28.76 6.74
N LYS A 11 11.17 -29.78 6.01
CA LYS A 11 10.41 -30.46 4.95
C LYS A 11 9.09 -31.01 5.44
N ALA A 12 9.16 -31.90 6.43
CA ALA A 12 7.98 -32.52 7.00
C ALA A 12 6.95 -31.43 7.33
N CYS A 13 7.41 -30.37 7.99
CA CYS A 13 6.53 -29.32 8.43
C CYS A 13 5.92 -28.50 7.26
N TRP A 14 6.73 -28.25 6.23
CA TRP A 14 6.26 -27.55 5.04
C TRP A 14 5.16 -28.35 4.33
N GLY A 15 5.31 -29.68 4.34
CA GLY A 15 4.25 -30.60 3.89
C GLY A 15 2.90 -30.27 4.49
N LYS A 16 2.84 -30.21 5.82
CA LYS A 16 1.61 -29.85 6.52
C LYS A 16 1.10 -28.47 6.13
N ILE A 17 1.97 -27.47 6.06
CA ILE A 17 1.58 -26.11 5.64
C ILE A 17 0.86 -26.14 4.28
N GLY A 18 1.47 -26.88 3.35
CA GLY A 18 0.94 -27.11 2.00
C GLY A 18 0.20 -25.94 1.38
N SER A 19 -1.11 -26.08 1.26
CA SER A 19 -1.91 -25.12 0.53
C SER A 19 -2.10 -23.80 1.29
N HIS A 20 -1.71 -23.76 2.57
CA HIS A 20 -1.80 -22.53 3.38
C HIS A 20 -0.56 -21.59 3.33
N ALA A 21 0.49 -21.99 2.60
CA ALA A 21 1.71 -21.19 2.51
C ALA A 21 1.39 -19.73 2.29
N GLY A 22 0.64 -19.41 1.25
CA GLY A 22 0.46 -18.01 0.91
C GLY A 22 -0.42 -17.27 1.88
N GLU A 23 -1.28 -18.01 2.53
CA GLU A 23 -2.18 -17.40 3.48
C GLU A 23 -1.38 -16.99 4.73
N TYR A 24 -0.46 -17.86 5.17
CA TYR A 24 0.52 -17.52 6.23
C TYR A 24 1.51 -16.44 5.80
N GLY A 25 2.06 -16.54 4.60
CA GLY A 25 2.84 -15.48 3.99
C GLY A 25 2.22 -14.13 4.26
N ALA A 26 0.94 -13.96 4.01
CA ALA A 26 0.33 -12.66 4.22
C ALA A 26 0.20 -12.30 5.69
N GLU A 27 -0.32 -13.22 6.49
CA GLU A 27 -0.55 -12.96 7.89
C GLU A 27 0.71 -12.54 8.64
N ALA A 28 1.81 -13.26 8.40
CA ALA A 28 3.10 -12.89 8.98
C ALA A 28 3.48 -11.46 8.62
N LEU A 29 3.22 -11.05 7.37
CA LEU A 29 3.52 -9.68 6.93
C LEU A 29 2.66 -8.66 7.65
N GLU A 30 1.36 -8.92 7.76
CA GLU A 30 0.49 -7.97 8.47
C GLU A 30 0.89 -7.86 9.94
N ARG A 31 1.48 -8.94 10.47
CA ARG A 31 2.00 -8.98 11.85
C ARG A 31 3.31 -8.21 11.99
N THR A 32 4.17 -8.32 10.98
CA THR A 32 5.42 -7.59 10.91
C THR A 32 5.24 -6.08 10.87
N PHE A 33 4.43 -5.60 9.92
CA PHE A 33 4.13 -4.16 9.80
C PHE A 33 3.51 -3.68 11.08
N CYS A 34 2.89 -4.62 11.76
CA CYS A 34 2.02 -4.35 12.90
C CYS A 34 2.72 -4.27 14.27
N SER A 35 3.76 -5.10 14.49
CA SER A 35 4.58 -5.06 15.71
C SER A 35 5.86 -4.26 15.49
N PHE A 36 6.32 -4.21 14.24
CA PHE A 36 7.57 -3.53 13.95
C PHE A 36 7.32 -2.46 12.88
N PRO A 37 6.62 -1.37 13.27
CA PRO A 37 6.07 -0.37 12.35
C PRO A 37 7.13 0.16 11.42
N THR A 38 8.36 0.28 11.91
CA THR A 38 9.47 0.67 11.07
C THR A 38 9.53 -0.11 9.72
N THR A 39 9.18 -1.40 9.70
CA THR A 39 9.27 -2.20 8.47
C THR A 39 8.44 -1.58 7.35
N LYS A 40 7.40 -0.86 7.76
CA LYS A 40 6.50 -0.15 6.87
C LYS A 40 7.20 0.85 5.98
N THR A 41 8.33 1.41 6.44
CA THR A 41 9.04 2.38 5.61
C THR A 41 9.46 1.84 4.24
N TYR A 42 9.63 0.52 4.10
CA TYR A 42 9.96 -0.09 2.79
C TYR A 42 8.74 -0.30 1.90
N PHE A 43 7.54 0.03 2.36
CA PHE A 43 6.32 -0.15 1.55
C PHE A 43 5.42 1.09 1.57
N PRO A 44 5.98 2.27 1.23
CA PRO A 44 5.27 3.57 1.32
C PRO A 44 4.26 3.74 0.19
N HIS A 45 4.46 2.97 -0.87
CA HIS A 45 3.62 2.97 -2.02
C HIS A 45 2.65 1.78 -1.91
N PHE A 46 2.61 1.10 -0.77
CA PHE A 46 1.62 0.03 -0.57
C PHE A 46 0.36 0.52 0.12
N ASP A 47 -0.69 -0.26 -0.05
CA ASP A 47 -1.87 -0.21 0.77
C ASP A 47 -1.62 -1.25 1.81
N LEU A 48 -1.60 -0.80 3.06
CA LEU A 48 -1.15 -1.61 4.19
C LEU A 48 -2.23 -1.78 5.24
N SER A 49 -3.47 -1.45 4.89
CA SER A 49 -4.60 -1.61 5.81
C SER A 49 -4.82 -3.10 6.14
N HIS A 50 -5.38 -3.38 7.32
CA HIS A 50 -5.59 -4.76 7.67
C HIS A 50 -6.36 -5.43 6.56
N GLY A 51 -5.82 -6.51 6.04
CA GLY A 51 -6.55 -7.25 5.04
C GLY A 51 -6.43 -6.67 3.65
N SER A 52 -5.59 -5.63 3.47
CA SER A 52 -5.22 -5.15 2.13
C SER A 52 -4.91 -6.30 1.17
N ALA A 53 -5.45 -6.21 -0.05
CA ALA A 53 -5.28 -7.24 -1.05
C ALA A 53 -3.86 -7.26 -1.58
N GLN A 54 -3.28 -6.06 -1.69
CA GLN A 54 -1.92 -5.91 -2.19
C GLN A 54 -0.91 -6.66 -1.30
N VAL A 55 -1.12 -6.64 0.02
CA VAL A 55 -0.36 -7.45 0.96
C VAL A 55 -0.56 -8.96 0.69
N LYS A 56 -1.81 -9.40 0.48
CA LYS A 56 -2.05 -10.83 0.21
C LYS A 56 -1.33 -11.27 -1.06
N ALA A 57 -1.32 -10.37 -2.05
CA ALA A 57 -0.56 -10.61 -3.27
C ALA A 57 0.91 -10.72 -2.92
N HIS A 58 1.43 -9.82 -2.08
CA HIS A 58 2.83 -9.90 -1.67
C HIS A 58 3.09 -11.11 -0.80
N GLY A 59 2.21 -11.34 0.18
CA GLY A 59 2.25 -12.54 1.01
C GLY A 59 2.45 -13.84 0.25
N GLN A 60 1.86 -13.98 -0.92
CA GLN A 60 2.01 -15.13 -1.76
C GLN A 60 3.40 -15.27 -2.36
N LYS A 61 4.01 -14.13 -2.68
CA LYS A 61 5.26 -14.19 -3.41
C LYS A 61 6.39 -14.60 -2.48
N VAL A 62 6.27 -14.16 -1.22
CA VAL A 62 7.16 -14.52 -0.13
C VAL A 62 7.09 -16.02 0.15
N ALA A 63 5.91 -16.55 0.39
CA ALA A 63 5.71 -17.99 0.55
C ALA A 63 6.29 -18.88 -0.57
N ASP A 64 6.19 -18.45 -1.82
CA ASP A 64 6.62 -19.33 -2.91
C ASP A 64 8.11 -19.39 -2.86
N ALA A 65 8.69 -18.21 -2.63
CA ALA A 65 10.11 -18.06 -2.47
C ALA A 65 10.59 -18.92 -1.28
N LEU A 66 9.86 -18.90 -0.18
CA LEU A 66 10.18 -19.77 0.95
C LEU A 66 10.14 -21.26 0.57
N THR A 67 9.05 -21.68 -0.08
CA THR A 67 8.94 -23.03 -0.68
C THR A 67 10.13 -23.30 -1.60
N GLN A 68 10.54 -22.26 -2.31
CA GLN A 68 11.67 -22.34 -3.19
C GLN A 68 12.91 -22.74 -2.42
N ALA A 69 13.13 -22.13 -1.27
CA ALA A 69 14.37 -22.31 -0.50
C ALA A 69 14.39 -23.65 0.19
N VAL A 70 13.21 -24.11 0.59
CA VAL A 70 13.01 -25.42 1.19
C VAL A 70 13.43 -26.49 0.20
N ALA A 71 13.27 -26.25 -1.09
CA ALA A 71 13.67 -27.24 -2.08
C ALA A 71 15.13 -27.10 -2.54
N HIS A 72 15.86 -26.13 -1.99
CA HIS A 72 17.28 -25.97 -2.25
C HIS A 72 18.09 -25.69 -1.00
N MET A 73 17.64 -26.27 0.10
CA MET A 73 18.36 -26.14 1.37
C MET A 73 19.88 -26.37 1.20
N ASP A 74 20.25 -27.31 0.33
CA ASP A 74 21.64 -27.64 0.09
C ASP A 74 22.50 -26.59 -0.65
N ASP A 75 21.87 -25.75 -1.47
CA ASP A 75 22.54 -24.56 -1.98
C ASP A 75 21.54 -23.41 -2.13
N LEU A 76 21.30 -22.74 -0.99
CA LEU A 76 20.47 -21.55 -0.95
C LEU A 76 21.11 -20.41 -1.75
N PRO A 77 22.41 -20.14 -1.52
CA PRO A 77 22.97 -18.94 -2.15
C PRO A 77 22.75 -18.90 -3.66
N THR A 78 22.75 -20.08 -4.31
CA THR A 78 22.49 -20.15 -5.76
C THR A 78 21.02 -19.94 -6.09
N ALA A 79 20.17 -20.81 -5.57
CA ALA A 79 18.73 -20.67 -5.74
C ALA A 79 18.30 -19.22 -5.57
N MET A 80 18.64 -18.60 -4.44
CA MET A 80 18.14 -17.27 -4.08
C MET A 80 18.94 -16.11 -4.66
N SER A 81 19.90 -16.37 -5.55
CA SER A 81 20.82 -15.31 -5.94
C SER A 81 20.03 -14.08 -6.41
N ALA A 82 19.12 -14.27 -7.36
CA ALA A 82 18.31 -13.16 -7.89
C ALA A 82 17.58 -12.33 -6.80
N LEU A 83 17.27 -12.96 -5.66
CA LEU A 83 16.54 -12.34 -4.53
C LEU A 83 17.44 -11.53 -3.58
N SER A 84 18.63 -12.05 -3.30
CA SER A 84 19.65 -11.23 -2.63
C SER A 84 20.04 -9.98 -3.42
N ASP A 85 20.11 -10.05 -4.76
CA ASP A 85 20.35 -8.82 -5.55
C ASP A 85 19.28 -7.77 -5.29
N LEU A 86 18.01 -8.18 -5.38
CA LEU A 86 16.88 -7.28 -5.13
C LEU A 86 16.96 -6.62 -3.75
N HIS A 87 17.16 -7.45 -2.72
CA HIS A 87 17.13 -7.04 -1.30
C HIS A 87 18.41 -6.39 -0.77
N ALA A 88 19.53 -6.60 -1.46
CA ALA A 88 20.82 -6.05 -1.03
C ALA A 88 21.26 -4.86 -1.91
N TYR A 89 21.14 -5.04 -3.22
CA TYR A 89 21.52 -4.03 -4.19
C TYR A 89 20.45 -3.00 -4.52
N LYS A 90 19.21 -3.41 -4.75
CA LYS A 90 18.19 -2.47 -5.22
C LYS A 90 17.42 -1.77 -4.10
N LEU A 91 16.67 -2.52 -3.30
CA LEU A 91 15.96 -1.95 -2.15
C LEU A 91 16.90 -1.62 -0.97
N ARG A 92 17.92 -2.44 -0.76
CA ARG A 92 18.80 -2.30 0.41
C ARG A 92 18.06 -2.20 1.75
N VAL A 93 17.63 -3.37 2.25
CA VAL A 93 16.82 -3.51 3.46
C VAL A 93 17.74 -3.82 4.62
N ASP A 94 17.60 -3.09 5.72
CA ASP A 94 18.51 -3.33 6.82
C ASP A 94 18.28 -4.74 7.32
N PRO A 95 19.38 -5.48 7.52
CA PRO A 95 19.34 -6.82 8.12
C PRO A 95 18.53 -6.96 9.41
N VAL A 96 18.20 -5.87 10.11
CA VAL A 96 17.42 -6.00 11.36
C VAL A 96 15.96 -6.44 11.08
N ASN A 97 15.39 -5.91 9.98
CA ASN A 97 14.04 -6.19 9.54
C ASN A 97 13.80 -7.65 9.18
N PHE A 98 14.89 -8.38 8.94
CA PHE A 98 14.71 -9.76 8.56
C PHE A 98 14.44 -10.53 9.78
N LYS A 99 14.97 -10.04 10.88
CA LYS A 99 14.75 -10.70 12.13
C LYS A 99 13.28 -10.60 12.47
N PHE A 100 12.72 -9.40 12.28
CA PHE A 100 11.30 -9.11 12.54
C PHE A 100 10.32 -9.97 11.76
N LEU A 101 10.55 -10.15 10.46
CA LEU A 101 9.75 -11.06 9.64
C LEU A 101 9.88 -12.51 10.12
N SER A 102 11.11 -13.06 10.09
CA SER A 102 11.40 -14.43 10.56
C SER A 102 10.82 -14.72 11.91
N HIS A 103 10.87 -13.74 12.81
CA HIS A 103 10.14 -13.88 14.06
C HIS A 103 8.66 -14.13 13.78
N CYS A 104 8.00 -13.16 13.13
CA CYS A 104 6.54 -13.18 12.93
C CYS A 104 6.04 -14.35 12.07
N LEU A 105 6.94 -14.87 11.22
CA LEU A 105 6.70 -16.09 10.45
C LEU A 105 6.57 -17.28 11.38
N LEU A 106 7.41 -17.27 12.42
CA LEU A 106 7.38 -18.31 13.42
C LEU A 106 6.15 -18.22 14.27
N VAL A 107 5.80 -17.00 14.65
CA VAL A 107 4.62 -16.80 15.44
C VAL A 107 3.47 -17.24 14.56
N THR A 108 3.59 -16.95 13.27
CA THR A 108 2.56 -17.39 12.32
C THR A 108 2.39 -18.92 12.27
N LEU A 109 3.48 -19.67 12.09
CA LEU A 109 3.40 -21.15 12.11
C LEU A 109 2.99 -21.72 13.47
N ALA A 110 2.99 -20.91 14.52
CA ALA A 110 2.60 -21.36 15.84
C ALA A 110 1.08 -21.20 16.15
N CYS A 111 0.46 -20.12 15.67
CA CYS A 111 -0.97 -19.91 15.83
C CYS A 111 -1.78 -20.98 15.10
N HIS A 112 -1.22 -21.47 14.01
CA HIS A 112 -1.93 -22.31 13.10
C HIS A 112 -1.68 -23.80 13.29
N HIS A 113 -0.51 -24.18 13.82
CA HIS A 113 -0.10 -25.62 13.86
C HIS A 113 0.52 -26.15 15.17
N PRO A 114 -0.08 -25.82 16.32
CA PRO A 114 0.54 -26.06 17.62
C PRO A 114 1.10 -27.48 17.76
N ALA A 115 0.36 -28.47 17.28
CA ALA A 115 0.82 -29.85 17.25
C ALA A 115 2.22 -30.00 16.60
N GLU A 116 2.41 -29.46 15.39
CA GLU A 116 3.68 -29.69 14.68
C GLU A 116 4.82 -28.82 15.18
N PHE A 117 4.46 -27.78 15.93
CA PHE A 117 5.40 -26.75 16.32
C PHE A 117 6.01 -27.13 17.65
N THR A 118 6.72 -28.27 17.67
CA THR A 118 7.37 -28.80 18.87
C THR A 118 8.73 -28.12 19.03
N PRO A 119 9.35 -28.16 20.24
CA PRO A 119 10.57 -27.34 20.34
C PRO A 119 11.61 -27.68 19.25
N ALA A 120 11.86 -28.97 19.01
CA ALA A 120 12.79 -29.40 17.94
C ALA A 120 12.45 -28.83 16.55
N VAL A 121 11.15 -28.72 16.28
CA VAL A 121 10.70 -28.13 15.03
C VAL A 121 10.82 -26.61 15.06
N HIS A 122 10.56 -26.02 16.24
CA HIS A 122 10.77 -24.59 16.50
C HIS A 122 12.24 -24.24 16.23
N ALA A 123 13.14 -24.95 16.88
CA ALA A 123 14.58 -24.78 16.65
C ALA A 123 14.97 -24.87 15.16
N SER A 124 14.37 -25.83 14.46
CA SER A 124 14.73 -26.08 13.06
C SER A 124 14.22 -24.94 12.21
N LEU A 125 12.97 -24.56 12.42
CA LEU A 125 12.35 -23.48 11.66
C LEU A 125 13.15 -22.20 11.78
N ASP A 126 13.66 -21.94 12.99
CA ASP A 126 14.48 -20.75 13.23
C ASP A 126 15.78 -20.76 12.41
N LYS A 127 16.57 -21.82 12.51
CA LYS A 127 17.83 -21.86 11.79
C LYS A 127 17.59 -21.74 10.29
N PHE A 128 16.45 -22.25 9.86
CA PHE A 128 15.98 -22.11 8.48
C PHE A 128 15.63 -20.65 8.10
N PHE A 129 14.76 -19.97 8.86
CA PHE A 129 14.46 -18.57 8.54
C PHE A 129 15.70 -17.74 8.63
N SER A 130 16.55 -18.12 9.56
CA SER A 130 17.75 -17.38 9.78
C SER A 130 18.74 -17.61 8.64
N ALA A 131 18.87 -18.87 8.23
CA ALA A 131 19.75 -19.25 7.10
C ALA A 131 19.40 -18.53 5.82
N VAL A 132 18.09 -18.32 5.62
CA VAL A 132 17.54 -17.63 4.46
C VAL A 132 17.89 -16.14 4.53
N SER A 133 17.56 -15.50 5.66
CA SER A 133 17.86 -14.07 5.87
C SER A 133 19.34 -13.78 5.61
N THR A 134 20.18 -14.73 5.98
CA THR A 134 21.61 -14.60 5.71
C THR A 134 21.93 -14.51 4.22
N VAL A 135 21.34 -15.38 3.42
CA VAL A 135 21.52 -15.29 1.96
C VAL A 135 21.01 -13.97 1.36
N LEU A 136 19.80 -13.56 1.76
CA LEU A 136 19.18 -12.35 1.24
C LEU A 136 19.85 -11.07 1.66
N THR A 137 20.73 -11.10 2.66
CA THR A 137 21.34 -9.84 3.08
C THR A 137 22.81 -9.73 2.76
N SER A 138 23.39 -10.77 2.19
CA SER A 138 24.84 -10.82 2.06
C SER A 138 25.29 -10.14 0.78
N PHE B 1 3.28 4.99 28.41
CA PHE B 1 4.09 3.91 27.76
C PHE B 1 3.20 2.95 26.96
N LEU B 2 2.06 2.58 27.56
CA LEU B 2 1.01 1.72 26.94
C LEU B 2 -0.33 2.46 26.95
N THR B 3 -1.05 2.43 25.82
CA THR B 3 -2.40 3.02 25.75
C THR B 3 -3.33 2.27 26.68
N ALA B 4 -4.46 2.89 27.01
CA ALA B 4 -5.53 2.26 27.75
C ALA B 4 -6.04 1.00 27.04
N GLU B 5 -6.04 1.01 25.70
CA GLU B 5 -6.45 -0.17 24.94
C GLU B 5 -5.37 -1.30 24.91
N GLU B 6 -4.09 -0.93 24.71
CA GLU B 6 -2.95 -1.88 24.76
C GLU B 6 -2.90 -2.63 26.11
N LYS B 7 -3.15 -1.93 27.22
CA LYS B 7 -3.19 -2.55 28.54
C LYS B 7 -4.38 -3.48 28.69
N GLY B 8 -5.44 -3.21 27.94
CA GLY B 8 -6.62 -4.07 27.91
C GLY B 8 -6.26 -5.43 27.37
N LEU B 9 -5.76 -5.43 26.14
CA LEU B 9 -5.30 -6.61 25.40
C LEU B 9 -4.30 -7.43 26.22
N VAL B 10 -3.29 -6.76 26.77
CA VAL B 10 -2.24 -7.42 27.54
C VAL B 10 -2.72 -8.21 28.78
N ASN B 11 -3.32 -7.49 29.73
CA ASN B 11 -3.86 -8.07 30.99
C ASN B 11 -5.06 -9.00 30.76
N GLY B 12 -5.93 -8.61 29.83
CA GLY B 12 -6.99 -9.50 29.38
C GLY B 12 -6.46 -10.87 28.97
N LEU B 13 -5.28 -10.88 28.35
CA LEU B 13 -4.69 -12.14 27.89
C LEU B 13 -3.92 -12.85 28.97
N TRP B 14 -3.27 -12.07 29.84
CA TRP B 14 -2.41 -12.58 30.89
C TRP B 14 -3.17 -13.22 32.05
N GLY B 15 -4.39 -12.75 32.29
CA GLY B 15 -5.28 -13.35 33.29
C GLY B 15 -5.55 -14.80 32.92
N LYS B 16 -5.53 -15.09 31.63
CA LYS B 16 -5.85 -16.40 31.14
C LYS B 16 -4.67 -17.36 31.24
N VAL B 17 -3.47 -16.80 31.21
CA VAL B 17 -2.21 -17.57 31.23
C VAL B 17 -1.94 -18.35 32.53
N ASN B 18 -1.74 -19.67 32.38
CA ASN B 18 -1.32 -20.56 33.47
C ASN B 18 0.19 -20.46 33.79
N VAL B 19 0.53 -19.51 34.64
CA VAL B 19 1.90 -19.15 34.98
C VAL B 19 2.89 -20.33 35.16
N ASP B 20 2.40 -21.45 35.67
CA ASP B 20 3.20 -22.70 35.77
C ASP B 20 3.77 -23.18 34.45
N GLU B 21 2.95 -23.87 33.67
CA GLU B 21 3.38 -24.48 32.39
C GLU B 21 4.06 -23.50 31.41
N VAL B 22 3.56 -22.26 31.33
CA VAL B 22 4.06 -21.28 30.34
C VAL B 22 5.50 -20.88 30.64
N GLY B 23 5.83 -20.77 31.92
CA GLY B 23 7.21 -20.54 32.36
C GLY B 23 8.18 -21.63 31.92
N GLY B 24 7.92 -22.85 32.36
CA GLY B 24 8.76 -23.98 32.00
C GLY B 24 8.74 -24.30 30.52
N GLU B 25 8.05 -23.48 29.74
CA GLU B 25 8.05 -23.69 28.30
C GLU B 25 8.81 -22.61 27.56
N ALA B 26 8.54 -21.37 27.96
CA ALA B 26 9.31 -20.25 27.47
C ALA B 26 10.74 -20.64 27.72
N LEU B 27 11.02 -20.91 29.00
CA LEU B 27 12.37 -21.26 29.42
C LEU B 27 12.90 -22.54 28.78
N GLY B 28 12.05 -23.56 28.72
CA GLY B 28 12.42 -24.82 28.07
C GLY B 28 12.84 -24.64 26.63
N ARG B 29 12.10 -23.80 25.91
CA ARG B 29 12.42 -23.56 24.51
C ARG B 29 13.67 -22.68 24.33
N LEU B 30 13.84 -21.61 25.13
CA LEU B 30 15.06 -20.82 25.08
C LEU B 30 16.21 -21.78 24.95
N LEU B 31 16.18 -22.85 25.72
CA LEU B 31 17.28 -23.81 25.79
C LEU B 31 17.52 -24.65 24.55
N VAL B 32 16.46 -25.17 23.94
CA VAL B 32 16.57 -25.96 22.71
C VAL B 32 16.80 -25.09 21.46
N VAL B 33 15.94 -24.07 21.30
CA VAL B 33 15.97 -23.16 20.16
C VAL B 33 17.33 -22.41 20.04
N TYR B 34 17.97 -22.11 21.16
CA TYR B 34 19.27 -21.42 21.17
C TYR B 34 20.17 -22.09 22.15
N PRO B 35 20.75 -23.23 21.76
CA PRO B 35 21.29 -24.08 22.81
C PRO B 35 22.57 -23.55 23.47
N TRP B 36 23.27 -22.65 22.81
CA TRP B 36 24.42 -22.00 23.42
C TRP B 36 24.08 -21.41 24.77
N THR B 37 22.80 -21.16 25.04
CA THR B 37 22.41 -20.52 26.29
C THR B 37 22.47 -21.50 27.47
N GLN B 38 22.60 -22.80 27.17
CA GLN B 38 22.67 -23.84 28.20
C GLN B 38 23.84 -23.63 29.16
N ARG B 39 24.82 -22.85 28.74
CA ARG B 39 26.03 -22.66 29.55
C ARG B 39 25.70 -21.96 30.83
N PHE B 40 24.75 -21.04 30.80
CA PHE B 40 24.38 -20.28 31.98
C PHE B 40 23.57 -21.11 32.99
N PHE B 41 23.28 -22.35 32.64
CA PHE B 41 22.38 -23.14 33.48
C PHE B 41 22.98 -24.50 33.83
N GLU B 42 24.29 -24.63 33.67
CA GLU B 42 25.02 -25.92 33.83
C GLU B 42 24.74 -26.69 35.10
N SER B 43 24.40 -25.96 36.17
CA SER B 43 24.01 -26.56 37.42
C SER B 43 22.49 -26.85 37.45
N PHE B 44 21.93 -27.35 36.35
CA PHE B 44 20.49 -27.64 36.30
C PHE B 44 20.22 -29.11 36.05
N GLY B 45 21.26 -29.92 36.10
CA GLY B 45 21.10 -31.33 35.82
C GLY B 45 21.17 -31.56 34.33
N ASP B 46 20.39 -32.54 33.87
CA ASP B 46 20.49 -33.07 32.50
C ASP B 46 19.77 -32.18 31.51
N LEU B 47 20.53 -31.74 30.51
CA LEU B 47 20.07 -30.77 29.53
C LEU B 47 20.55 -31.22 28.14
N SER B 48 20.66 -32.53 27.93
CA SER B 48 21.43 -33.05 26.79
C SER B 48 20.57 -33.41 25.59
N SER B 49 19.27 -33.56 25.83
CA SER B 49 18.30 -33.75 24.77
C SER B 49 17.06 -32.89 25.04
N ALA B 50 16.47 -32.31 24.00
CA ALA B 50 15.17 -31.66 24.12
C ALA B 50 14.25 -32.41 25.07
N ASP B 51 14.15 -33.72 24.87
CA ASP B 51 13.27 -34.58 25.67
C ASP B 51 13.50 -34.29 27.16
N ALA B 52 14.76 -34.46 27.59
CA ALA B 52 15.17 -34.29 28.97
C ALA B 52 15.05 -32.87 29.49
N ILE B 53 15.26 -31.89 28.61
CA ILE B 53 15.12 -30.45 28.93
C ILE B 53 13.69 -30.03 29.30
N MET B 54 12.76 -30.25 28.38
CA MET B 54 11.35 -30.00 28.57
C MET B 54 10.85 -30.55 29.90
N SER B 55 11.43 -31.68 30.31
CA SER B 55 10.96 -32.44 31.46
C SER B 55 11.83 -32.29 32.71
N ASN B 56 12.87 -31.47 32.62
CA ASN B 56 13.77 -31.19 33.74
C ASN B 56 13.08 -30.40 34.86
N ALA B 57 13.05 -30.99 36.05
CA ALA B 57 12.37 -30.37 37.21
C ALA B 57 12.85 -28.91 37.48
N LYS B 58 14.17 -28.68 37.48
CA LYS B 58 14.76 -27.37 37.81
C LYS B 58 14.60 -26.27 36.74
N VAL B 59 14.32 -26.69 35.50
CA VAL B 59 13.98 -25.77 34.37
C VAL B 59 12.60 -25.14 34.54
N LYS B 60 11.63 -25.97 34.92
CA LYS B 60 10.25 -25.56 35.20
C LYS B 60 10.19 -24.65 36.40
N ALA B 61 11.00 -24.93 37.43
CA ALA B 61 10.99 -24.10 38.63
C ALA B 61 11.53 -22.71 38.32
N HIS B 62 12.58 -22.64 37.49
CA HIS B 62 13.10 -21.35 37.06
C HIS B 62 12.07 -20.58 36.23
N GLY B 63 11.38 -21.33 35.36
CA GLY B 63 10.30 -20.79 34.53
C GLY B 63 9.37 -19.87 35.30
N LYS B 64 8.80 -20.40 36.38
CA LYS B 64 7.87 -19.68 37.25
C LYS B 64 8.48 -18.41 37.77
N LYS B 65 9.73 -18.48 38.19
CA LYS B 65 10.41 -17.30 38.69
C LYS B 65 10.50 -16.24 37.59
N VAL B 66 10.94 -16.67 36.41
CA VAL B 66 11.06 -15.77 35.26
C VAL B 66 9.72 -15.13 34.98
N LEU B 67 8.68 -15.96 34.97
CA LEU B 67 7.33 -15.51 34.64
C LEU B 67 6.61 -14.63 35.68
N ASN B 68 6.87 -14.83 36.98
CA ASN B 68 6.32 -13.95 38.02
C ASN B 68 7.00 -12.60 38.01
N SER B 69 8.28 -12.62 37.63
CA SER B 69 9.01 -11.42 37.31
C SER B 69 8.23 -10.67 36.23
N PHE B 70 7.86 -11.41 35.20
CA PHE B 70 7.12 -10.83 34.12
C PHE B 70 5.79 -10.32 34.64
N SER B 71 5.09 -11.17 35.41
CA SER B 71 3.86 -10.75 36.10
C SER B 71 4.02 -9.42 36.83
N ASP B 72 5.10 -9.25 37.59
CA ASP B 72 5.31 -8.00 38.33
C ASP B 72 5.56 -6.81 37.47
N GLY B 73 6.22 -7.02 36.33
CA GLY B 73 6.35 -5.98 35.32
C GLY B 73 4.99 -5.39 34.93
N LEU B 74 4.00 -6.25 34.68
CA LEU B 74 2.64 -5.77 34.34
C LEU B 74 1.94 -4.92 35.43
N LYS B 75 2.13 -5.26 36.71
CA LYS B 75 1.67 -4.37 37.78
C LYS B 75 2.43 -3.03 37.80
N ASN B 76 3.37 -2.84 36.88
CA ASN B 76 4.30 -1.70 36.97
C ASN B 76 4.78 -1.02 35.68
N ILE B 77 4.14 -1.33 34.53
CA ILE B 77 4.54 -0.80 33.21
C ILE B 77 5.00 0.66 33.16
N ASP B 78 4.28 1.53 33.84
CA ASP B 78 4.58 2.97 33.89
C ASP B 78 6.00 3.30 34.38
N ASP B 79 6.64 2.35 35.06
CA ASP B 79 8.01 2.49 35.58
C ASP B 79 8.63 1.08 35.68
N LEU B 80 9.27 0.64 34.61
CA LEU B 80 9.84 -0.71 34.49
C LEU B 80 11.36 -0.74 34.83
N LYS B 81 12.05 0.37 34.59
CA LYS B 81 13.41 0.60 35.13
C LYS B 81 13.37 0.46 36.66
N GLY B 82 12.25 0.88 37.24
CA GLY B 82 11.93 0.61 38.63
C GLY B 82 11.78 -0.87 38.98
N ALA B 83 10.85 -1.55 38.33
CA ALA B 83 10.55 -2.94 38.69
C ALA B 83 11.71 -3.96 38.49
N PHE B 84 12.67 -3.67 37.58
CA PHE B 84 13.74 -4.63 37.25
C PHE B 84 15.16 -4.18 37.63
N ALA B 85 15.26 -3.08 38.38
CA ALA B 85 16.56 -2.53 38.73
C ALA B 85 17.45 -3.52 39.48
N LYS B 86 16.88 -4.30 40.40
CA LYS B 86 17.70 -5.25 41.12
C LYS B 86 18.06 -6.41 40.22
N LEU B 87 17.14 -6.77 39.34
CA LEU B 87 17.45 -7.83 38.36
C LEU B 87 18.46 -7.45 37.27
N SER B 88 18.55 -6.16 36.95
CA SER B 88 19.53 -5.70 35.98
C SER B 88 20.92 -5.91 36.53
N GLU B 89 21.13 -5.50 37.77
CA GLU B 89 22.45 -5.60 38.43
C GLU B 89 22.82 -7.06 38.59
N LEU B 90 21.79 -7.86 38.82
CA LEU B 90 21.97 -9.29 38.99
C LEU B 90 22.58 -9.79 37.70
N HIS B 91 21.85 -9.59 36.58
CA HIS B 91 22.22 -10.25 35.32
C HIS B 91 23.55 -9.74 34.78
N CYS B 92 23.88 -8.52 35.18
CA CYS B 92 25.16 -7.91 34.83
C CYS B 92 26.31 -8.33 35.71
N ASP B 93 26.28 -7.88 36.97
CA ASP B 93 27.37 -8.07 37.90
C ASP B 93 27.57 -9.51 38.32
N LYS B 94 26.50 -10.27 38.46
CA LYS B 94 26.64 -11.65 38.95
C LYS B 94 26.79 -12.63 37.79
N LEU B 95 25.86 -12.55 36.84
CA LEU B 95 25.80 -13.50 35.73
C LEU B 95 26.65 -13.14 34.47
N HIS B 96 26.88 -11.84 34.26
CA HIS B 96 27.67 -11.34 33.13
C HIS B 96 27.00 -11.76 31.87
N VAL B 97 25.81 -11.26 31.63
CA VAL B 97 25.05 -11.71 30.50
C VAL B 97 24.95 -10.56 29.53
N ASP B 98 25.24 -10.81 28.25
CA ASP B 98 25.03 -9.80 27.23
C ASP B 98 23.53 -9.52 27.14
N PRO B 99 23.11 -8.25 27.38
CA PRO B 99 21.71 -7.81 27.27
C PRO B 99 21.04 -8.10 25.94
N GLU B 100 21.83 -8.27 24.87
CA GLU B 100 21.28 -8.72 23.61
C GLU B 100 20.43 -9.97 23.80
N ASN B 101 20.82 -10.82 24.75
CA ASN B 101 20.19 -12.13 24.90
C ASN B 101 18.78 -12.03 25.43
N PHE B 102 18.39 -10.84 25.94
CA PHE B 102 17.06 -10.64 26.46
C PHE B 102 16.05 -10.71 25.34
N ARG B 103 16.34 -10.13 24.18
CA ARG B 103 15.55 -10.26 22.95
C ARG B 103 14.99 -11.70 22.84
N LEU B 104 15.89 -12.68 23.03
CA LEU B 104 15.64 -14.07 22.75
C LEU B 104 14.60 -14.74 23.65
N LEU B 105 14.64 -14.43 24.93
CA LEU B 105 13.66 -14.95 25.84
C LEU B 105 12.30 -14.26 25.64
N GLY B 106 12.31 -12.95 25.39
CA GLY B 106 11.06 -12.29 25.00
C GLY B 106 10.45 -12.94 23.76
N ASN B 107 11.30 -13.37 22.83
CA ASN B 107 10.81 -13.90 21.56
C ASN B 107 10.16 -15.27 21.67
N VAL B 108 10.87 -16.16 22.34
CA VAL B 108 10.39 -17.48 22.72
C VAL B 108 9.09 -17.36 23.57
N LEU B 109 9.04 -16.38 24.46
CA LEU B 109 7.86 -16.17 25.28
C LEU B 109 6.67 -15.79 24.40
N VAL B 110 6.96 -15.07 23.32
CA VAL B 110 5.91 -14.65 22.42
C VAL B 110 5.44 -15.86 21.62
N CYS B 111 6.38 -16.70 21.20
CA CYS B 111 6.01 -17.93 20.52
C CYS B 111 5.17 -18.88 21.37
N VAL B 112 5.57 -19.11 22.61
CA VAL B 112 4.76 -19.95 23.48
C VAL B 112 3.35 -19.39 23.52
N LEU B 113 3.20 -18.11 23.87
CA LEU B 113 1.88 -17.51 23.94
C LEU B 113 1.02 -17.77 22.69
N ALA B 114 1.68 -17.79 21.53
CA ALA B 114 0.99 -18.04 20.28
C ALA B 114 0.61 -19.50 20.20
N HIS B 115 1.51 -20.41 20.57
CA HIS B 115 1.26 -21.87 20.65
C HIS B 115 -0.03 -22.13 21.45
N HIS B 116 -0.21 -21.33 22.50
CA HIS B 116 -1.25 -21.54 23.47
C HIS B 116 -2.57 -20.87 23.17
N PHE B 117 -2.56 -19.80 22.38
CA PHE B 117 -3.83 -19.09 22.16
C PHE B 117 -4.31 -18.96 20.71
N GLY B 118 -3.55 -19.53 19.76
CA GLY B 118 -3.89 -19.53 18.33
C GLY B 118 -4.61 -18.28 17.86
N HIS B 119 -5.83 -18.47 17.31
CA HIS B 119 -6.67 -17.37 16.77
C HIS B 119 -6.76 -16.18 17.75
N ASP B 120 -6.80 -16.46 19.03
CA ASP B 120 -6.83 -15.38 20.02
C ASP B 120 -5.56 -14.53 20.02
N PHE B 121 -4.46 -15.09 19.50
CA PHE B 121 -3.19 -14.36 19.46
C PHE B 121 -3.00 -13.48 18.19
N ASN B 122 -3.90 -12.53 18.01
CA ASN B 122 -3.99 -11.76 16.76
C ASN B 122 -2.96 -10.64 16.62
N PRO B 123 -2.70 -10.17 15.37
CA PRO B 123 -1.62 -9.26 15.08
C PRO B 123 -1.60 -8.10 16.03
N GLN B 124 -2.79 -7.73 16.47
CA GLN B 124 -3.01 -6.57 17.31
C GLN B 124 -2.55 -6.85 18.76
N VAL B 125 -2.91 -8.02 19.28
CA VAL B 125 -2.54 -8.45 20.63
C VAL B 125 -1.03 -8.69 20.71
N GLN B 126 -0.49 -9.26 19.65
CA GLN B 126 0.94 -9.51 19.56
C GLN B 126 1.71 -8.22 19.58
N ALA B 127 1.18 -7.21 18.89
CA ALA B 127 1.84 -5.92 18.86
C ALA B 127 1.85 -5.30 20.25
N ALA B 128 0.92 -5.72 21.11
CA ALA B 128 0.91 -5.24 22.50
C ALA B 128 2.07 -5.84 23.34
N PHE B 129 2.16 -7.17 23.29
CA PHE B 129 3.23 -7.90 23.91
C PHE B 129 4.64 -7.47 23.49
N GLN B 130 4.87 -7.25 22.20
CA GLN B 130 6.19 -6.87 21.77
C GLN B 130 6.57 -5.61 22.53
N LYS B 131 5.70 -4.61 22.56
CA LYS B 131 5.99 -3.37 23.29
C LYS B 131 6.41 -3.62 24.74
N VAL B 132 5.73 -4.56 25.39
CA VAL B 132 6.11 -4.99 26.73
C VAL B 132 7.49 -5.69 26.72
N VAL B 133 7.64 -6.71 25.86
CA VAL B 133 8.89 -7.51 25.85
C VAL B 133 10.07 -6.69 25.41
N ALA B 134 9.83 -5.64 24.65
CA ALA B 134 10.88 -4.70 24.32
C ALA B 134 11.23 -3.90 25.57
N GLY B 135 10.24 -3.58 26.40
CA GLY B 135 10.45 -2.73 27.56
C GLY B 135 11.10 -3.50 28.69
N VAL B 136 10.65 -4.72 28.87
CA VAL B 136 11.32 -5.61 29.81
C VAL B 136 12.78 -5.89 29.41
N ALA B 137 13.10 -5.98 28.13
CA ALA B 137 14.51 -6.04 27.76
C ALA B 137 15.29 -4.73 28.04
N ASN B 138 14.69 -3.55 27.77
CA ASN B 138 15.38 -2.27 28.05
C ASN B 138 15.61 -2.00 29.52
N ALA B 139 14.68 -2.44 30.34
CA ALA B 139 14.74 -2.22 31.75
C ALA B 139 15.83 -3.10 32.34
N LEU B 140 15.89 -4.35 31.89
CA LEU B 140 16.96 -5.23 32.31
C LEU B 140 18.40 -4.78 31.95
N ALA B 141 18.56 -4.01 30.87
CA ALA B 141 19.89 -3.57 30.36
C ALA B 141 20.32 -2.22 30.93
N HIS B 142 19.47 -1.64 31.76
CA HIS B 142 19.64 -0.27 32.17
C HIS B 142 20.76 -0.03 33.19
N LYS B 143 20.98 -1.00 34.06
CA LYS B 143 21.93 -0.80 35.13
C LYS B 143 23.24 -1.48 34.87
N TYR B 144 23.46 -1.85 33.59
CA TYR B 144 24.77 -2.26 33.06
C TYR B 144 25.71 -1.05 33.07
N HIS B 145 26.96 -1.29 33.44
CA HIS B 145 27.99 -0.26 33.59
C HIS B 145 29.36 -0.90 33.33
N VAL C 1 33.62 -8.98 -2.10
CA VAL C 1 33.20 -7.68 -2.68
C VAL C 1 33.88 -6.52 -1.94
N LEU C 2 35.12 -6.78 -1.56
CA LEU C 2 36.06 -5.72 -1.45
C LEU C 2 36.61 -5.59 -2.88
N SER C 3 36.64 -4.37 -3.39
CA SER C 3 37.16 -4.13 -4.74
C SER C 3 38.66 -3.91 -4.72
N ALA C 4 39.28 -3.93 -5.90
CA ALA C 4 40.69 -3.66 -5.99
C ALA C 4 41.09 -2.39 -5.21
N ALA C 5 40.25 -1.36 -5.27
CA ALA C 5 40.51 -0.11 -4.59
C ALA C 5 40.42 -0.30 -3.09
N ASP C 6 39.41 -1.03 -2.61
CA ASP C 6 39.35 -1.35 -1.18
C ASP C 6 40.63 -1.98 -0.63
N LYS C 7 41.00 -3.12 -1.19
CA LYS C 7 42.23 -3.85 -0.81
C LYS C 7 43.48 -2.95 -0.69
N SER C 8 43.73 -2.12 -1.70
CA SER C 8 44.96 -1.35 -1.71
C SER C 8 44.78 -0.13 -0.87
N ASN C 9 43.57 0.41 -0.77
CA ASN C 9 43.34 1.45 0.23
C ASN C 9 43.78 0.97 1.62
N VAL C 10 43.34 -0.24 1.96
CA VAL C 10 43.54 -0.85 3.26
C VAL C 10 44.98 -1.22 3.50
N LYS C 11 45.63 -1.91 2.54
CA LYS C 11 47.06 -2.27 2.68
C LYS C 11 47.91 -1.03 2.87
N ALA C 12 47.52 0.07 2.25
CA ALA C 12 48.32 1.27 2.29
C ALA C 12 48.21 1.87 3.67
N CYS C 13 46.98 1.94 4.16
CA CYS C 13 46.68 2.45 5.47
C CYS C 13 47.34 1.60 6.57
N TRP C 14 47.22 0.28 6.43
CA TRP C 14 47.82 -0.65 7.39
C TRP C 14 49.36 -0.51 7.34
N GLY C 15 49.90 -0.44 6.12
CA GLY C 15 51.31 -0.09 5.94
C GLY C 15 51.75 1.09 6.78
N LYS C 16 50.94 2.15 6.84
CA LYS C 16 51.32 3.34 7.57
C LYS C 16 51.23 3.15 9.07
N ILE C 17 50.29 2.32 9.53
CA ILE C 17 50.08 2.04 10.95
C ILE C 17 51.33 1.46 11.55
N GLY C 18 51.93 0.53 10.81
CA GLY C 18 53.25 0.00 11.08
C GLY C 18 53.36 -0.74 12.39
N SER C 19 54.22 -0.26 13.27
CA SER C 19 54.39 -0.88 14.56
C SER C 19 53.63 -0.12 15.64
N HIS C 20 52.57 0.59 15.28
CA HIS C 20 51.67 1.09 16.29
C HIS C 20 50.45 0.22 16.40
N ALA C 21 50.32 -0.77 15.53
CA ALA C 21 49.15 -1.66 15.50
C ALA C 21 48.62 -2.11 16.90
N GLY C 22 49.48 -2.67 17.74
CA GLY C 22 49.06 -3.21 19.02
C GLY C 22 48.64 -2.09 19.93
N GLU C 23 49.38 -1.00 19.86
CA GLU C 23 49.02 0.25 20.55
C GLU C 23 47.56 0.57 20.20
N TYR C 24 47.24 0.75 18.91
CA TYR C 24 45.86 1.01 18.47
C TYR C 24 44.81 0.00 18.88
N GLY C 25 45.15 -1.28 18.80
CA GLY C 25 44.23 -2.32 19.21
C GLY C 25 43.96 -2.23 20.70
N ALA C 26 44.97 -1.82 21.47
CA ALA C 26 44.76 -1.58 22.89
C ALA C 26 43.75 -0.46 23.05
N GLU C 27 43.95 0.64 22.35
CA GLU C 27 43.07 1.80 22.44
C GLU C 27 41.61 1.58 21.93
N ALA C 28 41.47 0.98 20.75
CA ALA C 28 40.21 0.49 20.29
C ALA C 28 39.49 -0.25 21.40
N LEU C 29 40.13 -1.19 22.11
CA LEU C 29 39.40 -2.01 23.09
C LEU C 29 38.98 -1.13 24.24
N GLU C 30 39.89 -0.27 24.68
CA GLU C 30 39.58 0.61 25.77
C GLU C 30 38.34 1.41 25.39
N ARG C 31 38.37 2.06 24.24
CA ARG C 31 37.24 2.81 23.73
C ARG C 31 36.00 2.00 23.68
N THR C 32 36.11 0.73 23.33
CA THR C 32 34.90 -0.04 23.22
C THR C 32 34.32 -0.38 24.59
N PHE C 33 35.13 -0.83 25.54
CA PHE C 33 34.65 -1.08 26.93
C PHE C 33 34.00 0.11 27.57
N CYS C 34 34.36 1.27 27.09
CA CYS C 34 34.05 2.50 27.68
C CYS C 34 32.82 3.07 27.05
N SER C 35 32.74 3.03 25.73
CA SER C 35 31.61 3.63 25.07
C SER C 35 30.50 2.63 25.02
N PHE C 36 30.85 1.37 25.16
CA PHE C 36 29.86 0.32 24.93
C PHE C 36 30.01 -0.72 26.01
N PRO C 37 29.65 -0.34 27.25
CA PRO C 37 29.91 -1.10 28.48
C PRO C 37 29.37 -2.55 28.55
N THR C 38 28.40 -2.93 27.75
CA THR C 38 27.98 -4.32 27.73
C THR C 38 29.03 -5.25 27.06
N THR C 39 30.05 -4.68 26.40
CA THR C 39 31.04 -5.52 25.73
C THR C 39 31.84 -6.22 26.78
N LYS C 40 31.79 -5.63 27.98
CA LYS C 40 32.55 -6.09 29.12
C LYS C 40 32.09 -7.44 29.65
N THR C 41 30.81 -7.74 29.45
CA THR C 41 30.28 -8.97 29.97
C THR C 41 31.13 -10.13 29.46
N TYR C 42 31.86 -9.89 28.37
CA TYR C 42 32.61 -10.96 27.67
C TYR C 42 34.02 -11.12 28.18
N PHE C 43 34.42 -10.14 28.98
CA PHE C 43 35.71 -10.17 29.64
C PHE C 43 35.54 -10.10 31.17
N PRO C 44 34.70 -10.95 31.79
CA PRO C 44 34.44 -10.68 33.20
C PRO C 44 35.69 -10.94 34.05
N HIS C 45 36.62 -11.72 33.50
CA HIS C 45 37.86 -12.11 34.14
C HIS C 45 39.11 -11.23 33.85
N PHE C 46 39.03 -10.18 33.05
CA PHE C 46 40.18 -9.28 32.86
C PHE C 46 40.15 -8.14 33.88
N ASP C 47 41.33 -7.57 34.13
CA ASP C 47 41.48 -6.28 34.80
C ASP C 47 41.21 -5.29 33.68
N LEU C 48 40.09 -4.56 33.79
CA LEU C 48 39.65 -3.70 32.69
C LEU C 48 39.76 -2.27 33.10
N SER C 49 40.70 -1.97 34.00
CA SER C 49 40.92 -0.58 34.43
C SER C 49 41.80 0.12 33.38
N HIS C 50 41.82 1.45 33.38
CA HIS C 50 42.65 2.21 32.43
C HIS C 50 44.12 1.80 32.50
N GLY C 51 44.74 1.58 31.35
CA GLY C 51 46.13 1.14 31.31
C GLY C 51 46.41 -0.31 31.67
N SER C 52 45.36 -1.08 31.93
CA SER C 52 45.52 -2.46 32.33
C SER C 52 46.38 -3.23 31.36
N ALA C 53 47.44 -3.84 31.87
CA ALA C 53 48.35 -4.65 31.06
C ALA C 53 47.63 -5.78 30.29
N GLN C 54 46.60 -6.38 30.91
CA GLN C 54 45.84 -7.44 30.27
C GLN C 54 45.19 -6.96 28.95
N VAL C 55 44.46 -5.84 29.04
CA VAL C 55 43.90 -5.20 27.87
C VAL C 55 45.01 -4.92 26.84
N LYS C 56 46.20 -4.46 27.26
CA LYS C 56 47.33 -4.19 26.33
C LYS C 56 47.77 -5.42 25.59
N ALA C 57 47.99 -6.47 26.36
CA ALA C 57 48.33 -7.76 25.81
C ALA C 57 47.29 -8.20 24.79
N HIS C 58 46.01 -8.09 25.13
CA HIS C 58 44.97 -8.50 24.23
C HIS C 58 44.95 -7.61 22.98
N GLY C 59 45.15 -6.32 23.19
CA GLY C 59 45.26 -5.37 22.12
C GLY C 59 46.22 -5.86 21.05
N GLN C 60 47.35 -6.44 21.45
CA GLN C 60 48.35 -6.95 20.50
C GLN C 60 47.78 -8.12 19.73
N LYS C 61 47.15 -9.05 20.45
CA LYS C 61 46.62 -10.26 19.85
C LYS C 61 45.55 -9.92 18.81
N VAL C 62 44.74 -8.90 19.07
CA VAL C 62 43.78 -8.40 18.10
C VAL C 62 44.50 -7.80 16.90
N ALA C 63 45.37 -6.85 17.14
CA ALA C 63 45.98 -6.14 16.03
C ALA C 63 46.75 -7.11 15.12
N ASP C 64 47.42 -8.11 15.70
CA ASP C 64 48.08 -9.13 14.92
C ASP C 64 47.08 -9.91 14.09
N ALA C 65 45.93 -10.25 14.66
CA ALA C 65 44.94 -10.99 13.91
C ALA C 65 44.50 -10.17 12.67
N LEU C 66 44.20 -8.90 12.87
CA LEU C 66 43.88 -8.03 11.77
C LEU C 66 45.01 -7.87 10.73
N THR C 67 46.29 -7.80 11.16
CA THR C 67 47.41 -7.67 10.21
C THR C 67 47.39 -8.83 9.21
N GLN C 68 46.84 -9.93 9.68
CA GLN C 68 46.97 -11.20 9.06
C GLN C 68 45.74 -11.35 8.22
N ALA C 69 44.70 -10.59 8.51
CA ALA C 69 43.57 -10.58 7.63
C ALA C 69 43.89 -9.67 6.42
N VAL C 70 44.71 -8.62 6.64
CA VAL C 70 45.14 -7.68 5.57
C VAL C 70 46.05 -8.39 4.58
N ALA C 71 46.90 -9.25 5.11
CA ALA C 71 47.71 -10.13 4.31
C ALA C 71 46.85 -11.12 3.50
N HIS C 72 45.70 -11.56 4.03
CA HIS C 72 44.90 -12.58 3.35
C HIS C 72 43.48 -12.15 3.00
N MET C 73 43.35 -10.94 2.49
CA MET C 73 42.07 -10.38 2.06
C MET C 73 41.32 -11.24 1.06
N ASP C 74 42.05 -12.03 0.27
CA ASP C 74 41.38 -12.86 -0.72
C ASP C 74 40.78 -14.21 -0.19
N ASP C 75 41.25 -14.69 0.96
CA ASP C 75 40.63 -15.85 1.59
C ASP C 75 40.49 -15.69 3.10
N LEU C 76 39.75 -14.67 3.52
CA LEU C 76 39.42 -14.45 4.93
C LEU C 76 38.73 -15.67 5.59
N PRO C 77 37.63 -16.20 5.01
CA PRO C 77 37.07 -17.46 5.52
C PRO C 77 38.14 -18.51 5.87
N THR C 78 39.20 -18.62 5.04
CA THR C 78 40.32 -19.56 5.32
C THR C 78 41.23 -19.07 6.42
N ALA C 79 41.77 -17.86 6.22
CA ALA C 79 42.72 -17.27 7.16
C ALA C 79 42.21 -17.20 8.59
N MET C 80 40.93 -16.88 8.76
CA MET C 80 40.38 -16.55 10.08
C MET C 80 39.57 -17.66 10.67
N SER C 81 39.82 -18.89 10.24
CA SER C 81 38.92 -20.01 10.55
C SER C 81 38.98 -20.41 12.02
N ALA C 82 40.20 -20.55 12.55
CA ALA C 82 40.40 -20.75 13.99
C ALA C 82 39.62 -19.71 14.78
N LEU C 83 39.87 -18.45 14.44
CA LEU C 83 39.27 -17.32 15.14
C LEU C 83 37.76 -17.27 15.00
N SER C 84 37.21 -17.78 13.90
CA SER C 84 35.73 -17.85 13.80
C SER C 84 35.13 -19.02 14.53
N ASP C 85 35.91 -20.11 14.71
CA ASP C 85 35.56 -21.15 15.70
C ASP C 85 35.39 -20.46 17.03
N LEU C 86 36.46 -19.87 17.55
CA LEU C 86 36.45 -19.24 18.85
C LEU C 86 35.21 -18.37 19.06
N HIS C 87 35.11 -17.29 18.31
CA HIS C 87 34.05 -16.33 18.49
C HIS C 87 32.64 -16.85 18.18
N ALA C 88 32.48 -17.67 17.14
CA ALA C 88 31.14 -18.21 16.79
C ALA C 88 30.66 -19.37 17.66
N TYR C 89 31.55 -20.33 17.98
CA TYR C 89 31.18 -21.56 18.72
C TYR C 89 31.45 -21.42 20.20
N LYS C 90 32.72 -21.39 20.55
CA LYS C 90 33.13 -21.40 21.95
C LYS C 90 32.57 -20.23 22.77
N LEU C 91 32.79 -18.99 22.31
CA LEU C 91 32.43 -17.77 23.05
C LEU C 91 31.05 -17.19 22.78
N ARG C 92 30.36 -17.63 21.72
CA ARG C 92 29.07 -17.04 21.32
C ARG C 92 29.01 -15.54 21.54
N VAL C 93 29.61 -14.75 20.66
CA VAL C 93 29.61 -13.33 20.86
C VAL C 93 28.58 -12.77 19.92
N ASP C 94 27.59 -12.10 20.47
CA ASP C 94 26.57 -11.53 19.61
C ASP C 94 27.19 -10.67 18.51
N PRO C 95 26.73 -10.84 17.25
CA PRO C 95 27.18 -9.98 16.16
C PRO C 95 27.05 -8.47 16.45
N VAL C 96 26.22 -8.07 17.40
CA VAL C 96 26.07 -6.64 17.68
C VAL C 96 27.37 -6.06 18.21
N ASN C 97 28.11 -6.86 18.98
CA ASN C 97 29.37 -6.43 19.60
C ASN C 97 30.44 -6.09 18.60
N PHE C 98 30.44 -6.82 17.49
CA PHE C 98 31.44 -6.57 16.46
C PHE C 98 31.28 -5.20 15.82
N LYS C 99 30.04 -4.75 15.70
CA LYS C 99 29.80 -3.42 15.20
C LYS C 99 30.45 -2.40 16.14
N PHE C 100 30.30 -2.60 17.45
CA PHE C 100 30.92 -1.70 18.41
C PHE C 100 32.44 -1.55 18.25
N LEU C 101 33.14 -2.69 18.18
CA LEU C 101 34.59 -2.77 18.00
C LEU C 101 35.12 -2.12 16.73
N SER C 102 34.43 -2.29 15.61
CA SER C 102 34.95 -1.80 14.32
C SER C 102 34.72 -0.34 14.25
N HIS C 103 33.65 0.12 14.86
CA HIS C 103 33.42 1.53 14.99
C HIS C 103 34.58 2.14 15.79
N CYS C 104 34.93 1.53 16.91
CA CYS C 104 36.06 2.01 17.69
C CYS C 104 37.42 1.81 17.03
N LEU C 105 37.52 0.82 16.14
CA LEU C 105 38.75 0.76 15.36
C LEU C 105 38.78 1.95 14.42
N LEU C 106 37.63 2.35 13.84
CA LEU C 106 37.62 3.52 12.98
C LEU C 106 37.99 4.79 13.77
N VAL C 107 37.35 5.05 14.91
CA VAL C 107 37.66 6.24 15.71
C VAL C 107 39.15 6.33 16.02
N THR C 108 39.74 5.16 16.37
CA THR C 108 41.15 5.13 16.75
C THR C 108 41.96 5.51 15.52
N LEU C 109 41.68 4.87 14.38
CA LEU C 109 42.55 5.12 13.23
C LEU C 109 42.40 6.58 12.79
N ALA C 110 41.21 7.13 12.98
CA ALA C 110 40.95 8.52 12.65
C ALA C 110 41.75 9.47 13.56
N CYS C 111 41.73 9.21 14.88
CA CYS C 111 42.48 10.02 15.85
C CYS C 111 43.96 10.14 15.59
N HIS C 112 44.57 9.07 15.12
CA HIS C 112 46.01 9.05 14.89
C HIS C 112 46.43 9.30 13.43
N HIS C 113 45.55 9.13 12.46
CA HIS C 113 46.01 9.17 11.08
C HIS C 113 45.04 9.95 10.20
N PRO C 114 44.86 11.26 10.48
CA PRO C 114 43.80 12.00 9.76
C PRO C 114 44.12 12.21 8.27
N ALA C 115 45.41 12.37 7.96
CA ALA C 115 45.88 12.45 6.59
C ALA C 115 45.46 11.25 5.70
N GLU C 116 45.48 10.02 6.21
CA GLU C 116 44.96 8.89 5.41
C GLU C 116 43.47 8.60 5.59
N PHE C 117 42.89 9.14 6.65
CA PHE C 117 41.47 8.93 6.90
C PHE C 117 40.56 9.69 5.93
N THR C 118 40.94 9.71 4.65
CA THR C 118 40.14 10.36 3.61
C THR C 118 38.84 9.58 3.47
N PRO C 119 37.75 10.27 3.05
CA PRO C 119 36.47 9.57 2.90
C PRO C 119 36.55 8.22 2.17
N ALA C 120 37.25 8.14 1.04
CA ALA C 120 37.45 6.85 0.35
C ALA C 120 38.12 5.75 1.18
N VAL C 121 39.13 6.10 1.99
CA VAL C 121 39.85 5.17 2.87
C VAL C 121 38.92 4.72 4.00
N HIS C 122 38.22 5.68 4.57
CA HIS C 122 37.21 5.41 5.59
C HIS C 122 36.14 4.41 5.05
N ALA C 123 35.70 4.60 3.80
CA ALA C 123 34.76 3.69 3.17
C ALA C 123 35.35 2.30 3.10
N SER C 124 36.64 2.20 2.78
CA SER C 124 37.23 0.89 2.57
C SER C 124 37.49 0.17 3.88
N LEU C 125 37.90 0.93 4.90
CA LEU C 125 38.22 0.32 6.19
C LEU C 125 36.93 -0.31 6.73
N ASP C 126 35.81 0.44 6.60
CA ASP C 126 34.51 0.01 7.13
C ASP C 126 34.01 -1.29 6.53
N LYS C 127 34.15 -1.41 5.21
CA LYS C 127 33.94 -2.68 4.49
C LYS C 127 34.85 -3.79 4.96
N PHE C 128 36.10 -3.47 5.20
CA PHE C 128 37.06 -4.50 5.57
C PHE C 128 36.72 -5.07 6.94
N PHE C 129 36.31 -4.18 7.86
CA PHE C 129 36.06 -4.57 9.23
C PHE C 129 34.78 -5.34 9.32
N SER C 130 33.84 -5.00 8.45
CA SER C 130 32.65 -5.83 8.20
C SER C 130 32.94 -7.23 7.69
N ALA C 131 33.76 -7.35 6.65
CA ALA C 131 34.07 -8.61 6.08
C ALA C 131 34.66 -9.50 7.18
N VAL C 132 35.59 -8.94 7.93
CA VAL C 132 36.21 -9.63 9.06
C VAL C 132 35.15 -10.01 10.12
N SER C 133 34.23 -9.11 10.47
CA SER C 133 33.17 -9.47 11.42
C SER C 133 32.21 -10.60 10.92
N THR C 134 31.86 -10.58 9.64
CA THR C 134 31.02 -11.63 9.03
C THR C 134 31.74 -12.97 9.10
N VAL C 135 33.02 -12.97 8.75
CA VAL C 135 33.80 -14.18 8.78
C VAL C 135 33.90 -14.70 10.20
N LEU C 136 34.04 -13.80 11.17
CA LEU C 136 34.21 -14.24 12.55
C LEU C 136 32.92 -14.71 13.24
N THR C 137 31.77 -14.34 12.69
CA THR C 137 30.50 -14.69 13.33
C THR C 137 29.62 -15.64 12.55
N SER C 138 30.10 -16.18 11.44
CA SER C 138 29.18 -16.82 10.47
C SER C 138 28.78 -18.28 10.72
N LYS C 139 29.22 -18.89 11.82
CA LYS C 139 28.81 -20.26 12.14
C LYS C 139 27.99 -20.41 13.44
N PHE D 1 19.81 12.61 32.58
CA PHE D 1 20.18 11.79 31.38
C PHE D 1 21.69 11.77 31.10
N LEU D 2 22.34 12.90 31.37
CA LEU D 2 23.81 13.02 31.33
C LEU D 2 24.34 13.65 32.62
N THR D 3 25.29 12.96 33.26
CA THR D 3 25.94 13.50 34.44
C THR D 3 26.57 14.83 34.04
N ALA D 4 26.72 15.71 35.02
CA ALA D 4 27.32 17.02 34.77
C ALA D 4 28.75 16.96 34.17
N GLU D 5 29.62 16.06 34.65
CA GLU D 5 30.97 15.93 34.06
C GLU D 5 30.85 15.68 32.56
N GLU D 6 29.94 14.76 32.21
CA GLU D 6 29.61 14.42 30.85
C GLU D 6 29.27 15.67 30.09
N LYS D 7 28.20 16.34 30.50
CA LYS D 7 27.77 17.61 29.88
C LYS D 7 28.90 18.65 29.72
N GLY D 8 29.86 18.62 30.64
CA GLY D 8 31.06 19.46 30.65
C GLY D 8 31.96 19.19 29.47
N LEU D 9 32.27 17.92 29.23
CA LEU D 9 33.01 17.43 28.05
C LEU D 9 32.26 17.73 26.72
N VAL D 10 30.99 17.29 26.63
CA VAL D 10 30.12 17.55 25.44
C VAL D 10 30.12 19.01 25.05
N ASN D 11 29.74 19.88 25.98
CA ASN D 11 29.76 21.31 25.73
C ASN D 11 31.15 21.87 25.49
N GLY D 12 32.08 21.52 26.38
CA GLY D 12 33.49 21.84 26.20
C GLY D 12 33.94 21.73 24.75
N LEU D 13 33.71 20.54 24.17
CA LEU D 13 34.17 20.24 22.82
C LEU D 13 33.29 20.87 21.75
N TRP D 14 31.97 20.84 21.93
CA TRP D 14 31.06 21.33 20.92
C TRP D 14 31.28 22.83 20.69
N GLY D 15 31.73 23.53 21.74
CA GLY D 15 32.20 24.92 21.66
C GLY D 15 33.31 25.21 20.64
N LYS D 16 34.25 24.27 20.42
CA LYS D 16 35.34 24.45 19.45
C LYS D 16 34.99 24.02 18.03
N VAL D 17 33.79 23.49 17.84
CA VAL D 17 33.38 22.90 16.56
C VAL D 17 32.91 23.93 15.54
N ASN D 18 33.47 23.87 14.33
CA ASN D 18 33.03 24.76 13.26
C ASN D 18 31.81 24.18 12.57
N VAL D 19 30.62 24.59 13.02
CA VAL D 19 29.39 23.98 12.50
C VAL D 19 29.42 23.91 10.99
N ASP D 20 29.82 25.01 10.37
CA ASP D 20 30.04 25.08 8.92
C ASP D 20 30.78 23.89 8.32
N GLU D 21 32.04 23.69 8.71
CA GLU D 21 32.88 22.68 8.06
C GLU D 21 32.51 21.22 8.42
N VAL D 22 32.33 20.92 9.71
CA VAL D 22 31.99 19.55 10.15
C VAL D 22 30.65 19.05 9.61
N GLY D 23 29.75 19.96 9.26
CA GLY D 23 28.43 19.59 8.81
C GLY D 23 28.45 18.88 7.46
N GLY D 24 29.06 19.53 6.48
CA GLY D 24 29.17 18.95 5.15
C GLY D 24 29.97 17.67 5.20
N GLU D 25 31.01 17.66 6.01
CA GLU D 25 31.86 16.50 6.13
C GLU D 25 31.12 15.26 6.66
N ALA D 26 30.31 15.43 7.69
CA ALA D 26 29.62 14.30 8.28
C ALA D 26 28.70 13.70 7.24
N LEU D 27 27.96 14.57 6.54
CA LEU D 27 26.92 14.11 5.62
C LEU D 27 27.54 13.63 4.33
N GLY D 28 28.55 14.35 3.84
CA GLY D 28 29.38 13.84 2.75
C GLY D 28 29.75 12.39 3.01
N ARG D 29 30.45 12.14 4.11
CA ARG D 29 30.90 10.81 4.46
C ARG D 29 29.75 9.81 4.57
N LEU D 30 28.67 10.20 5.22
CA LEU D 30 27.52 9.30 5.27
C LEU D 30 27.34 8.70 3.87
N LEU D 31 27.35 9.57 2.84
CA LEU D 31 27.00 9.18 1.47
C LEU D 31 28.09 8.42 0.72
N VAL D 32 29.33 8.61 1.15
CA VAL D 32 30.46 7.91 0.50
C VAL D 32 30.60 6.52 1.11
N VAL D 33 30.46 6.47 2.44
CA VAL D 33 30.84 5.27 3.20
C VAL D 33 29.64 4.31 3.20
N TYR D 34 28.47 4.85 2.96
CA TYR D 34 27.26 4.05 3.00
C TYR D 34 26.32 4.40 1.83
N PRO D 35 26.81 4.24 0.59
CA PRO D 35 26.22 4.87 -0.62
C PRO D 35 24.72 4.57 -0.87
N TRP D 36 24.23 3.43 -0.42
CA TRP D 36 22.81 3.19 -0.51
C TRP D 36 21.97 4.37 -0.03
N THR D 37 22.50 5.19 0.88
CA THR D 37 21.77 6.36 1.42
C THR D 37 21.50 7.44 0.37
N GLN D 38 22.23 7.36 -0.73
CA GLN D 38 22.09 8.30 -1.82
C GLN D 38 20.68 8.37 -2.40
N ARG D 39 20.01 7.22 -2.45
CA ARG D 39 18.63 7.11 -2.85
C ARG D 39 17.81 8.30 -2.31
N PHE D 40 18.00 8.60 -1.02
CA PHE D 40 17.20 9.62 -0.33
C PHE D 40 17.62 11.03 -0.70
N PHE D 41 18.65 11.17 -1.52
CA PHE D 41 19.15 12.50 -1.81
C PHE D 41 19.31 12.80 -3.29
N GLU D 42 18.65 12.03 -4.16
CA GLU D 42 18.79 12.23 -5.60
C GLU D 42 18.69 13.69 -6.07
N SER D 43 17.78 14.47 -5.49
CA SER D 43 17.60 15.88 -5.88
C SER D 43 18.81 16.81 -5.61
N PHE D 44 19.89 16.28 -5.04
CA PHE D 44 21.07 17.12 -4.68
C PHE D 44 22.06 17.31 -5.84
N GLY D 45 22.00 16.43 -6.84
CA GLY D 45 22.78 16.59 -8.06
C GLY D 45 23.73 15.44 -8.36
N ASP D 46 24.95 15.81 -8.75
CA ASP D 46 26.06 14.87 -8.99
C ASP D 46 26.51 14.23 -7.67
N LEU D 47 26.01 13.01 -7.42
CA LEU D 47 26.45 12.22 -6.28
C LEU D 47 27.14 10.95 -6.78
N SER D 48 28.16 11.13 -7.62
CA SER D 48 28.81 10.03 -8.36
C SER D 48 30.03 9.47 -7.62
N SER D 49 31.14 10.19 -7.65
CA SER D 49 32.29 9.76 -6.89
C SER D 49 32.42 10.56 -5.60
N ALA D 50 33.42 10.18 -4.81
CA ALA D 50 33.64 10.82 -3.52
C ALA D 50 33.91 12.31 -3.65
N ASP D 51 34.68 12.73 -4.67
CA ASP D 51 35.03 14.15 -4.83
C ASP D 51 33.83 14.94 -5.30
N ALA D 52 32.91 14.24 -5.97
CA ALA D 52 31.63 14.82 -6.33
C ALA D 52 30.87 15.19 -5.05
N ILE D 53 30.80 14.24 -4.13
CA ILE D 53 30.05 14.39 -2.89
C ILE D 53 30.65 15.41 -1.90
N MET D 54 31.96 15.43 -1.77
CA MET D 54 32.58 16.24 -0.73
C MET D 54 32.62 17.72 -1.11
N SER D 55 32.17 18.02 -2.33
CA SER D 55 32.22 19.37 -2.89
C SER D 55 30.81 19.86 -3.29
N ASN D 56 29.87 18.94 -3.40
CA ASN D 56 28.49 19.25 -3.70
C ASN D 56 27.91 20.31 -2.73
N ALA D 57 27.70 21.52 -3.27
CA ALA D 57 27.12 22.66 -2.52
C ALA D 57 25.90 22.30 -1.63
N LYS D 58 24.95 21.55 -2.18
CA LYS D 58 23.74 21.19 -1.47
C LYS D 58 24.06 20.32 -0.25
N VAL D 59 24.74 19.19 -0.51
CA VAL D 59 25.30 18.34 0.54
C VAL D 59 25.81 19.21 1.69
N LYS D 60 26.77 20.07 1.39
CA LYS D 60 27.36 20.95 2.39
C LYS D 60 26.33 21.73 3.21
N ALA D 61 25.27 22.22 2.55
CA ALA D 61 24.26 23.09 3.20
C ALA D 61 23.40 22.24 4.11
N HIS D 62 22.76 21.21 3.56
CA HIS D 62 22.00 20.24 4.36
C HIS D 62 22.79 19.78 5.60
N GLY D 63 24.10 19.57 5.39
CA GLY D 63 25.01 19.22 6.46
C GLY D 63 24.92 20.14 7.64
N LYS D 64 25.05 21.43 7.37
CA LYS D 64 25.01 22.46 8.39
C LYS D 64 23.65 22.38 9.05
N LYS D 65 22.65 22.19 8.20
CA LYS D 65 21.30 22.10 8.70
C LYS D 65 21.09 20.91 9.68
N VAL D 66 21.68 19.76 9.38
CA VAL D 66 21.54 18.62 10.27
C VAL D 66 22.19 18.93 11.63
N LEU D 67 23.43 19.39 11.55
CA LEU D 67 24.28 19.70 12.70
C LEU D 67 23.64 20.67 13.66
N ASN D 68 22.71 21.49 13.18
CA ASN D 68 22.06 22.44 14.08
C ASN D 68 21.06 21.77 14.99
N SER D 69 20.30 20.83 14.43
CA SER D 69 19.39 20.07 15.27
C SER D 69 20.20 19.35 16.31
N PHE D 70 21.44 18.97 15.98
CA PHE D 70 22.33 18.47 17.01
C PHE D 70 22.55 19.45 18.18
N SER D 71 22.85 20.70 17.82
CA SER D 71 23.07 21.78 18.78
C SER D 71 21.80 22.08 19.58
N ASP D 72 20.65 22.12 18.88
CA ASP D 72 19.35 22.28 19.53
C ASP D 72 19.21 21.19 20.55
N GLY D 73 19.44 19.96 20.13
CA GLY D 73 19.40 18.81 21.03
C GLY D 73 20.30 18.96 22.24
N LEU D 74 21.56 19.31 22.00
CA LEU D 74 22.54 19.60 23.06
C LEU D 74 21.98 20.60 24.06
N LYS D 75 21.59 21.79 23.57
CA LYS D 75 20.85 22.80 24.37
C LYS D 75 19.55 22.31 25.03
N ASN D 76 19.17 21.06 24.80
CA ASN D 76 17.91 20.47 25.29
C ASN D 76 18.10 19.01 25.63
N ILE D 77 19.27 18.70 26.17
CA ILE D 77 19.66 17.34 26.47
C ILE D 77 18.62 16.55 27.26
N ASP D 78 18.01 17.18 28.25
CA ASP D 78 17.18 16.42 29.19
C ASP D 78 15.76 16.13 28.68
N ASP D 79 15.38 16.77 27.58
CA ASP D 79 14.18 16.35 26.89
C ASP D 79 14.44 16.31 25.41
N LEU D 80 15.01 15.20 24.95
CA LEU D 80 15.36 15.05 23.54
C LEU D 80 14.13 14.70 22.72
N LYS D 81 13.22 13.92 23.33
CA LYS D 81 11.99 13.48 22.67
C LYS D 81 11.25 14.67 22.08
N GLY D 82 11.02 15.69 22.91
CA GLY D 82 10.34 16.91 22.48
C GLY D 82 11.10 17.70 21.43
N ALA D 83 12.42 17.71 21.52
CA ALA D 83 13.24 18.52 20.61
C ALA D 83 13.29 18.01 19.15
N PHE D 84 12.91 16.75 18.96
CA PHE D 84 13.03 16.07 17.66
C PHE D 84 11.69 15.55 17.09
N ALA D 85 10.64 15.60 17.92
CA ALA D 85 9.31 15.08 17.59
C ALA D 85 8.87 15.36 16.15
N LYS D 86 9.11 16.58 15.67
CA LYS D 86 8.69 17.02 14.34
C LYS D 86 9.65 16.57 13.26
N LEU D 87 10.93 16.40 13.61
CA LEU D 87 11.87 15.80 12.70
C LEU D 87 11.59 14.31 12.59
N SER D 88 11.01 13.77 13.66
CA SER D 88 10.66 12.38 13.74
C SER D 88 9.47 12.07 12.85
N GLU D 89 8.42 12.90 12.92
CA GLU D 89 7.29 12.78 11.98
C GLU D 89 7.81 12.91 10.54
N LEU D 90 8.61 13.94 10.30
CA LEU D 90 9.15 14.22 8.98
C LEU D 90 9.87 13.02 8.36
N HIS D 91 10.93 12.56 9.05
CA HIS D 91 11.71 11.42 8.60
C HIS D 91 10.86 10.14 8.45
N CYS D 92 9.73 10.10 9.15
CA CYS D 92 8.81 8.99 9.03
C CYS D 92 7.80 9.10 7.88
N ASP D 93 7.00 10.17 7.89
CA ASP D 93 5.87 10.28 6.97
C ASP D 93 6.16 10.84 5.57
N LYS D 94 6.94 11.92 5.47
CA LYS D 94 7.43 12.39 4.17
C LYS D 94 8.58 11.52 3.62
N LEU D 95 9.40 10.95 4.50
CA LEU D 95 10.72 10.47 4.08
C LEU D 95 10.95 8.97 3.95
N HIS D 96 10.32 8.17 4.82
CA HIS D 96 10.37 6.70 4.77
C HIS D 96 11.78 6.20 4.94
N VAL D 97 12.44 6.80 5.93
CA VAL D 97 13.78 6.46 6.34
C VAL D 97 13.63 5.47 7.47
N ASP D 98 14.07 4.23 7.23
CA ASP D 98 14.24 3.20 8.26
C ASP D 98 15.21 3.79 9.28
N PRO D 99 14.78 3.95 10.57
CA PRO D 99 15.57 4.53 11.66
C PRO D 99 16.87 3.78 12.01
N GLU D 100 16.98 2.53 11.58
CA GLU D 100 18.26 1.84 11.63
C GLU D 100 19.36 2.74 11.08
N ASN D 101 19.04 3.52 10.04
CA ASN D 101 20.01 4.35 9.36
C ASN D 101 20.42 5.55 10.19
N PHE D 102 19.74 5.80 11.30
CA PHE D 102 20.16 6.92 12.20
C PHE D 102 21.52 6.73 12.92
N ARG D 103 21.73 5.55 13.51
CA ARG D 103 23.05 5.09 14.02
C ARG D 103 24.23 5.44 13.11
N LEU D 104 24.06 5.12 11.81
CA LEU D 104 25.02 5.41 10.78
C LEU D 104 25.48 6.86 10.76
N LEU D 105 24.56 7.82 10.59
CA LEU D 105 24.96 9.22 10.74
C LEU D 105 25.66 9.48 12.08
N GLY D 106 25.07 9.01 13.17
CA GLY D 106 25.67 9.18 14.50
C GLY D 106 27.12 8.79 14.50
N ASN D 107 27.40 7.58 14.04
CA ASN D 107 28.75 7.06 14.02
C ASN D 107 29.69 7.86 13.14
N VAL D 108 29.17 8.31 12.01
CA VAL D 108 29.96 9.11 11.10
C VAL D 108 30.27 10.45 11.74
N LEU D 109 29.27 11.05 12.39
CA LEU D 109 29.48 12.33 13.01
C LEU D 109 30.58 12.13 14.03
N VAL D 110 30.46 11.07 14.83
CA VAL D 110 31.53 10.71 15.78
C VAL D 110 32.93 10.57 15.14
N CYS D 111 33.04 9.83 14.05
CA CYS D 111 34.31 9.73 13.27
C CYS D 111 34.91 11.06 12.78
N VAL D 112 34.02 11.99 12.42
CA VAL D 112 34.44 13.29 11.97
C VAL D 112 34.96 14.07 13.17
N LEU D 113 34.33 13.90 14.33
CA LEU D 113 34.87 14.58 15.53
C LEU D 113 36.30 14.07 15.83
N ALA D 114 36.50 12.75 15.78
CA ALA D 114 37.84 12.15 15.91
C ALA D 114 38.83 12.63 14.82
N HIS D 115 38.42 12.58 13.56
CA HIS D 115 39.27 13.13 12.52
C HIS D 115 39.69 14.56 12.85
N HIS D 116 38.75 15.43 13.28
CA HIS D 116 39.08 16.84 13.56
C HIS D 116 39.89 17.03 14.85
N PHE D 117 39.43 16.54 16.00
CA PHE D 117 40.09 16.84 17.28
C PHE D 117 41.22 15.89 17.72
N GLY D 118 41.47 14.85 16.91
CA GLY D 118 42.57 13.93 17.13
C GLY D 118 42.77 13.52 18.57
N HIS D 119 43.93 13.81 19.11
CA HIS D 119 44.27 13.40 20.47
C HIS D 119 43.42 14.05 21.57
N ASP D 120 42.77 15.17 21.29
CA ASP D 120 41.82 15.70 22.25
C ASP D 120 40.60 14.78 22.42
N PHE D 121 40.41 13.83 21.51
CA PHE D 121 39.20 13.00 21.51
C PHE D 121 39.31 11.71 22.33
N ASN D 122 39.54 11.90 23.64
CA ASN D 122 39.46 10.87 24.73
C ASN D 122 38.56 9.69 24.54
N PRO D 123 38.97 8.55 25.11
CA PRO D 123 38.00 7.52 25.29
C PRO D 123 36.78 8.01 26.08
N GLN D 124 36.93 9.01 26.94
CA GLN D 124 35.82 9.52 27.77
C GLN D 124 34.91 10.51 27.06
N VAL D 125 35.49 11.55 26.48
CA VAL D 125 34.77 12.44 25.58
C VAL D 125 33.90 11.64 24.59
N GLN D 126 34.48 10.62 23.96
CA GLN D 126 33.74 9.80 23.00
C GLN D 126 32.60 9.05 23.62
N ALA D 127 32.79 8.58 24.84
CA ALA D 127 31.79 7.81 25.53
C ALA D 127 30.58 8.69 25.80
N ALA D 128 30.83 9.93 26.18
CA ALA D 128 29.77 10.93 26.31
C ALA D 128 29.02 11.23 24.99
N PHE D 129 29.77 11.35 23.88
CA PHE D 129 29.16 11.66 22.59
C PHE D 129 28.31 10.52 22.06
N GLN D 130 28.73 9.28 22.32
CA GLN D 130 27.99 8.11 21.86
C GLN D 130 26.67 8.15 22.57
N LYS D 131 26.70 8.61 23.83
CA LYS D 131 25.49 8.72 24.59
C LYS D 131 24.56 9.72 23.92
N VAL D 132 25.08 10.91 23.61
CA VAL D 132 24.33 11.91 22.82
C VAL D 132 23.72 11.27 21.58
N VAL D 133 24.63 10.73 20.75
CA VAL D 133 24.33 10.21 19.44
C VAL D 133 23.27 9.09 19.43
N ALA D 134 23.36 8.16 20.38
CA ALA D 134 22.35 7.09 20.57
C ALA D 134 21.03 7.69 21.01
N GLY D 135 21.10 8.76 21.81
CA GLY D 135 19.90 9.47 22.29
C GLY D 135 19.17 10.25 21.20
N VAL D 136 19.92 11.06 20.46
CA VAL D 136 19.39 11.72 19.29
C VAL D 136 18.60 10.75 18.40
N ALA D 137 19.24 9.64 18.00
CA ALA D 137 18.62 8.61 17.15
C ALA D 137 17.39 7.94 17.76
N ASN D 138 17.34 7.86 19.08
CA ASN D 138 16.17 7.34 19.77
C ASN D 138 14.98 8.29 19.64
N ALA D 139 15.26 9.59 19.77
CA ALA D 139 14.23 10.59 19.65
C ALA D 139 13.63 10.65 18.24
N LEU D 140 14.48 10.75 17.21
CA LEU D 140 14.01 10.86 15.84
C LEU D 140 13.24 9.66 15.43
N ALA D 141 13.21 8.63 16.29
CA ALA D 141 12.60 7.34 15.94
C ALA D 141 11.28 7.08 16.67
N HIS D 142 11.06 7.90 17.68
CA HIS D 142 10.06 7.68 18.72
C HIS D 142 8.64 7.87 18.21
N LYS D 143 8.54 8.65 17.14
CA LYS D 143 7.28 9.07 16.58
C LYS D 143 6.97 8.34 15.27
N TYR D 144 7.39 7.09 15.17
CA TYR D 144 7.16 6.26 13.99
C TYR D 144 5.99 5.38 14.33
N HIS D 145 5.09 5.19 13.39
CA HIS D 145 3.80 4.54 13.61
C HIS D 145 3.42 3.82 12.31
N VAL E 1 -27.21 0.03 4.66
CA VAL E 1 -27.84 0.54 3.40
C VAL E 1 -28.96 -0.38 2.96
N LEU E 2 -28.91 -1.64 3.44
CA LEU E 2 -29.90 -2.60 3.00
C LEU E 2 -31.20 -2.38 3.71
N SER E 3 -31.34 -2.86 4.96
CA SER E 3 -32.64 -2.73 5.60
C SER E 3 -32.94 -3.86 6.56
N ALA E 4 -34.19 -4.30 6.51
CA ALA E 4 -34.71 -5.33 7.39
C ALA E 4 -35.85 -5.84 6.58
N ALA E 5 -36.66 -4.87 6.12
CA ALA E 5 -37.74 -5.11 5.17
C ALA E 5 -37.15 -5.64 3.86
N ASP E 6 -36.10 -4.97 3.36
CA ASP E 6 -35.40 -5.48 2.17
C ASP E 6 -34.84 -6.85 2.44
N LYS E 7 -34.20 -7.01 3.60
CA LYS E 7 -33.55 -8.26 3.98
C LYS E 7 -34.48 -9.46 3.93
N SER E 8 -35.72 -9.30 4.35
CA SER E 8 -36.63 -10.43 4.38
C SER E 8 -37.18 -10.69 2.98
N ASN E 9 -37.44 -9.62 2.23
CA ASN E 9 -37.91 -9.73 0.85
C ASN E 9 -36.91 -10.50 0.01
N VAL E 10 -35.64 -10.42 0.39
CA VAL E 10 -34.58 -11.14 -0.33
C VAL E 10 -34.40 -12.61 0.15
N LYS E 11 -34.56 -12.86 1.44
CA LYS E 11 -34.54 -14.24 1.93
C LYS E 11 -35.80 -14.99 1.45
N ALA E 12 -36.93 -14.28 1.46
CA ALA E 12 -38.23 -14.82 1.04
C ALA E 12 -38.21 -15.16 -0.43
N CYS E 13 -37.87 -14.19 -1.26
CA CYS E 13 -37.78 -14.44 -2.70
C CYS E 13 -36.61 -15.36 -3.09
N TRP E 14 -35.51 -15.39 -2.32
CA TRP E 14 -34.48 -16.40 -2.59
C TRP E 14 -34.97 -17.78 -2.13
N GLY E 15 -35.74 -17.80 -1.05
CA GLY E 15 -36.43 -19.00 -0.60
C GLY E 15 -37.12 -19.72 -1.74
N LYS E 16 -37.86 -18.97 -2.56
CA LYS E 16 -38.56 -19.51 -3.73
C LYS E 16 -37.60 -20.11 -4.75
N ILE E 17 -37.03 -19.27 -5.62
CA ILE E 17 -35.96 -19.65 -6.54
C ILE E 17 -35.32 -20.97 -6.11
N GLY E 18 -34.75 -20.98 -4.91
CA GLY E 18 -34.12 -22.17 -4.34
C GLY E 18 -33.09 -22.87 -5.22
N SER E 19 -33.60 -23.64 -6.17
CA SER E 19 -32.81 -24.65 -6.85
C SER E 19 -32.58 -24.35 -8.33
N HIS E 20 -33.30 -23.36 -8.88
CA HIS E 20 -33.07 -22.90 -10.25
C HIS E 20 -32.02 -21.78 -10.26
N ALA E 21 -31.43 -21.56 -9.09
CA ALA E 21 -30.39 -20.57 -8.88
C ALA E 21 -29.33 -20.74 -9.94
N GLY E 22 -28.84 -21.98 -10.08
CA GLY E 22 -27.83 -22.31 -11.07
C GLY E 22 -28.28 -22.13 -12.51
N GLU E 23 -29.58 -22.31 -12.75
CA GLU E 23 -30.12 -22.10 -14.09
C GLU E 23 -30.22 -20.61 -14.40
N TYR E 24 -30.69 -19.88 -13.38
CA TYR E 24 -30.83 -18.43 -13.45
C TYR E 24 -29.45 -17.76 -13.47
N GLY E 25 -28.48 -18.39 -12.82
CA GLY E 25 -27.08 -17.97 -12.90
C GLY E 25 -26.60 -18.05 -14.33
N ALA E 26 -26.96 -19.15 -15.01
CA ALA E 26 -26.58 -19.38 -16.42
C ALA E 26 -27.26 -18.39 -17.37
N GLU E 27 -28.59 -18.37 -17.31
CA GLU E 27 -29.41 -17.47 -18.09
C GLU E 27 -29.00 -16.00 -17.93
N ALA E 28 -28.79 -15.58 -16.69
CA ALA E 28 -28.41 -14.20 -16.40
C ALA E 28 -27.11 -13.77 -17.06
N LEU E 29 -26.12 -14.68 -17.12
CA LEU E 29 -24.87 -14.42 -17.86
C LEU E 29 -25.18 -14.32 -19.34
N GLU E 30 -25.94 -15.29 -19.84
CA GLU E 30 -26.15 -15.43 -21.29
C GLU E 30 -26.79 -14.17 -21.81
N ARG E 31 -27.74 -13.64 -21.01
CA ARG E 31 -28.48 -12.42 -21.35
C ARG E 31 -27.54 -11.22 -21.51
N THR E 32 -26.55 -11.14 -20.61
CA THR E 32 -25.55 -10.06 -20.65
C THR E 32 -24.49 -10.15 -21.79
N PHE E 33 -23.90 -11.33 -22.02
CA PHE E 33 -22.99 -11.48 -23.17
C PHE E 33 -23.76 -11.08 -24.39
N CYS E 34 -25.03 -11.41 -24.36
CA CYS E 34 -25.91 -11.11 -25.47
C CYS E 34 -26.30 -9.59 -25.60
N SER E 35 -26.95 -9.04 -24.57
CA SER E 35 -27.39 -7.63 -24.53
C SER E 35 -26.27 -6.61 -24.46
N PHE E 36 -25.35 -6.77 -23.51
CA PHE E 36 -24.24 -5.84 -23.34
C PHE E 36 -22.92 -6.51 -23.77
N PRO E 37 -22.69 -6.58 -25.10
CA PRO E 37 -21.56 -7.34 -25.64
C PRO E 37 -20.24 -7.03 -24.97
N THR E 38 -19.88 -5.76 -24.81
CA THR E 38 -18.59 -5.41 -24.18
C THR E 38 -18.16 -6.26 -22.95
N THR E 39 -19.13 -6.83 -22.21
CA THR E 39 -18.82 -7.68 -21.02
C THR E 39 -18.01 -8.94 -21.35
N LYS E 40 -18.17 -9.41 -22.60
CA LYS E 40 -17.47 -10.55 -23.15
C LYS E 40 -15.97 -10.33 -23.15
N THR E 41 -15.56 -9.08 -23.23
CA THR E 41 -14.15 -8.80 -23.17
C THR E 41 -13.46 -9.50 -21.99
N TYR E 42 -14.20 -9.83 -20.94
CA TYR E 42 -13.58 -10.40 -19.71
C TYR E 42 -13.49 -11.93 -19.69
N PHE E 43 -14.25 -12.54 -20.58
CA PHE E 43 -14.23 -13.97 -20.71
C PHE E 43 -13.73 -14.30 -22.12
N PRO E 44 -12.45 -13.97 -22.46
CA PRO E 44 -11.96 -14.29 -23.80
C PRO E 44 -11.56 -15.75 -23.95
N HIS E 45 -11.34 -16.42 -22.81
CA HIS E 45 -10.95 -17.84 -22.80
C HIS E 45 -12.17 -18.75 -22.69
N PHE E 46 -13.29 -18.34 -23.29
CA PHE E 46 -14.58 -18.98 -23.05
C PHE E 46 -15.36 -19.43 -24.29
N ASP E 47 -16.06 -20.56 -24.14
CA ASP E 47 -17.09 -20.93 -25.09
C ASP E 47 -18.32 -20.16 -24.62
N LEU E 48 -18.64 -19.08 -25.33
CA LEU E 48 -19.74 -18.20 -24.93
C LEU E 48 -20.99 -18.48 -25.74
N SER E 49 -20.88 -19.49 -26.60
CA SER E 49 -21.99 -19.98 -27.44
C SER E 49 -23.23 -20.28 -26.61
N HIS E 50 -24.40 -20.12 -27.22
CA HIS E 50 -25.66 -20.41 -26.55
C HIS E 50 -25.66 -21.84 -26.04
N GLY E 51 -26.12 -22.01 -24.80
CA GLY E 51 -26.15 -23.31 -24.11
C GLY E 51 -24.79 -23.92 -23.79
N SER E 52 -23.73 -23.12 -23.93
CA SER E 52 -22.36 -23.56 -23.68
C SER E 52 -22.18 -24.19 -22.31
N ALA E 53 -21.20 -25.09 -22.18
CA ALA E 53 -20.99 -25.83 -20.92
C ALA E 53 -20.12 -25.07 -19.94
N GLN E 54 -19.16 -24.30 -20.47
CA GLN E 54 -18.47 -23.29 -19.67
C GLN E 54 -19.49 -22.37 -19.00
N VAL E 55 -20.24 -21.60 -19.80
CA VAL E 55 -21.30 -20.72 -19.27
C VAL E 55 -22.10 -21.41 -18.14
N LYS E 56 -22.76 -22.53 -18.45
CA LYS E 56 -23.49 -23.34 -17.47
C LYS E 56 -22.75 -23.53 -16.13
N ALA E 57 -21.44 -23.77 -16.18
CA ALA E 57 -20.68 -24.02 -14.97
C ALA E 57 -20.49 -22.75 -14.15
N HIS E 58 -20.14 -21.65 -14.83
CA HIS E 58 -19.80 -20.41 -14.15
C HIS E 58 -21.04 -19.74 -13.56
N GLY E 59 -22.21 -20.08 -14.11
CA GLY E 59 -23.50 -19.62 -13.61
C GLY E 59 -23.79 -20.24 -12.26
N GLN E 60 -23.30 -21.47 -12.10
CA GLN E 60 -23.27 -22.15 -10.81
C GLN E 60 -22.47 -21.32 -9.82
N LYS E 61 -21.18 -21.22 -10.08
CA LYS E 61 -20.28 -20.40 -9.27
C LYS E 61 -20.91 -19.06 -8.83
N VAL E 62 -21.47 -18.35 -9.80
CA VAL E 62 -22.15 -17.08 -9.60
C VAL E 62 -23.35 -17.18 -8.61
N ALA E 63 -24.30 -18.07 -8.90
CA ALA E 63 -25.47 -18.29 -8.02
C ALA E 63 -25.13 -18.71 -6.56
N ASP E 64 -24.18 -19.63 -6.38
CA ASP E 64 -23.76 -20.06 -5.02
C ASP E 64 -23.16 -18.88 -4.22
N ALA E 65 -22.33 -18.08 -4.89
CA ALA E 65 -21.77 -16.84 -4.34
C ALA E 65 -22.88 -15.88 -3.87
N LEU E 66 -23.78 -15.55 -4.79
CA LEU E 66 -25.03 -14.87 -4.46
C LEU E 66 -25.78 -15.57 -3.31
N THR E 67 -25.87 -16.90 -3.35
CA THR E 67 -26.58 -17.67 -2.32
C THR E 67 -25.96 -17.53 -0.92
N GLN E 68 -24.64 -17.64 -0.87
CA GLN E 68 -23.88 -17.31 0.31
C GLN E 68 -24.20 -15.89 0.73
N ALA E 69 -24.36 -14.98 -0.24
CA ALA E 69 -24.58 -13.56 0.04
C ALA E 69 -25.89 -13.31 0.80
N VAL E 70 -26.96 -13.93 0.32
CA VAL E 70 -28.25 -13.91 0.98
C VAL E 70 -28.08 -14.39 2.41
N ALA E 71 -27.20 -15.37 2.61
CA ALA E 71 -26.95 -15.95 3.92
C ALA E 71 -26.16 -15.04 4.89
N HIS E 72 -25.51 -14.00 4.39
CA HIS E 72 -24.85 -13.03 5.27
C HIS E 72 -25.08 -11.64 4.73
N MET E 73 -26.32 -11.16 4.80
CA MET E 73 -26.62 -9.80 4.36
C MET E 73 -26.17 -8.80 5.42
N ASP E 74 -25.98 -9.29 6.63
CA ASP E 74 -25.52 -8.49 7.75
C ASP E 74 -24.04 -8.26 7.69
N ASP E 75 -23.33 -9.11 6.95
CA ASP E 75 -21.88 -9.12 7.01
C ASP E 75 -21.25 -9.23 5.64
N LEU E 76 -21.74 -8.41 4.73
CA LEU E 76 -21.43 -8.52 3.31
C LEU E 76 -19.94 -8.35 2.99
N PRO E 77 -19.28 -7.29 3.52
CA PRO E 77 -17.83 -7.14 3.29
C PRO E 77 -16.99 -8.40 3.56
N THR E 78 -16.79 -8.78 4.81
CA THR E 78 -15.86 -9.88 5.09
C THR E 78 -16.28 -11.26 4.54
N ALA E 79 -17.58 -11.50 4.46
CA ALA E 79 -18.10 -12.77 3.93
C ALA E 79 -17.85 -12.95 2.42
N MET E 80 -17.54 -11.84 1.75
CA MET E 80 -17.28 -11.86 0.32
C MET E 80 -15.83 -11.47 -0.03
N SER E 81 -14.91 -11.54 0.93
CA SER E 81 -13.62 -10.88 0.72
C SER E 81 -12.72 -11.57 -0.32
N ALA E 82 -12.85 -12.88 -0.48
CA ALA E 82 -12.13 -13.59 -1.54
C ALA E 82 -12.48 -13.05 -2.95
N LEU E 83 -13.77 -12.87 -3.19
CA LEU E 83 -14.26 -12.40 -4.50
C LEU E 83 -13.97 -10.91 -4.79
N SER E 84 -14.07 -10.06 -3.76
CA SER E 84 -13.61 -8.67 -3.80
C SER E 84 -12.23 -8.64 -4.39
N ASP E 85 -11.32 -9.34 -3.74
CA ASP E 85 -9.94 -9.44 -4.19
C ASP E 85 -9.87 -9.92 -5.64
N LEU E 86 -10.64 -10.96 -5.97
CA LEU E 86 -10.69 -11.44 -7.34
C LEU E 86 -11.20 -10.37 -8.31
N HIS E 87 -12.35 -9.76 -8.03
CA HIS E 87 -12.99 -8.88 -9.02
C HIS E 87 -12.41 -7.48 -9.11
N ALA E 88 -11.85 -6.98 -8.00
CA ALA E 88 -11.39 -5.58 -7.85
C ALA E 88 -9.87 -5.41 -7.98
N TYR E 89 -9.12 -6.30 -7.34
CA TYR E 89 -7.65 -6.35 -7.48
C TYR E 89 -7.21 -7.10 -8.76
N LYS E 90 -7.23 -8.42 -8.74
CA LYS E 90 -6.82 -9.22 -9.90
C LYS E 90 -7.33 -8.78 -11.28
N LEU E 91 -8.64 -8.92 -11.54
CA LEU E 91 -9.18 -8.63 -12.85
C LEU E 91 -9.40 -7.14 -13.05
N ARG E 92 -9.47 -6.38 -11.97
CA ARG E 92 -10.03 -5.04 -12.05
C ARG E 92 -11.14 -4.91 -13.14
N VAL E 93 -12.26 -5.62 -12.97
CA VAL E 93 -13.48 -5.38 -13.75
C VAL E 93 -14.05 -3.97 -13.49
N ASP E 94 -14.40 -3.23 -14.54
CA ASP E 94 -15.03 -1.93 -14.31
C ASP E 94 -16.44 -2.03 -13.71
N PRO E 95 -16.77 -1.18 -12.70
CA PRO E 95 -18.08 -1.24 -12.06
C PRO E 95 -19.29 -1.09 -12.99
N VAL E 96 -19.12 -0.58 -14.21
CA VAL E 96 -20.26 -0.50 -15.14
C VAL E 96 -20.80 -1.91 -15.53
N ASN E 97 -19.94 -2.93 -15.46
CA ASN E 97 -20.32 -4.28 -15.89
C ASN E 97 -21.11 -5.00 -14.85
N PHE E 98 -21.02 -4.52 -13.61
CA PHE E 98 -21.88 -5.06 -12.56
C PHE E 98 -23.31 -4.56 -12.67
N LYS E 99 -23.46 -3.32 -13.15
CA LYS E 99 -24.76 -2.78 -13.46
C LYS E 99 -25.45 -3.62 -14.56
N PHE E 100 -24.68 -4.02 -15.57
CA PHE E 100 -25.23 -4.85 -16.61
C PHE E 100 -25.66 -6.21 -16.05
N LEU E 101 -24.74 -6.96 -15.45
CA LEU E 101 -25.09 -8.28 -14.91
C LEU E 101 -26.29 -8.18 -13.94
N SER E 102 -26.26 -7.19 -13.04
CA SER E 102 -27.32 -6.94 -12.04
C SER E 102 -28.71 -6.77 -12.64
N HIS E 103 -28.79 -5.94 -13.69
CA HIS E 103 -30.02 -5.76 -14.44
C HIS E 103 -30.51 -7.06 -15.10
N CYS E 104 -29.61 -7.77 -15.80
CA CYS E 104 -29.97 -9.06 -16.44
C CYS E 104 -30.34 -10.11 -15.39
N LEU E 105 -29.77 -9.97 -14.21
CA LEU E 105 -30.07 -10.88 -13.14
C LEU E 105 -31.49 -10.60 -12.65
N LEU E 106 -32.00 -9.40 -12.92
CA LEU E 106 -33.32 -8.97 -12.45
C LEU E 106 -34.44 -9.37 -13.43
N VAL E 107 -34.15 -9.25 -14.73
CA VAL E 107 -34.97 -9.70 -15.85
C VAL E 107 -35.17 -11.23 -15.81
N THR E 108 -34.08 -11.97 -15.59
CA THR E 108 -34.09 -13.42 -15.49
C THR E 108 -35.05 -13.89 -14.41
N LEU E 109 -35.03 -13.22 -13.26
CA LEU E 109 -35.94 -13.52 -12.17
C LEU E 109 -37.38 -13.18 -12.52
N ALA E 110 -37.55 -12.07 -13.26
CA ALA E 110 -38.87 -11.59 -13.70
C ALA E 110 -39.52 -12.46 -14.76
N CYS E 111 -38.74 -13.29 -15.44
CA CYS E 111 -39.24 -14.11 -16.53
C CYS E 111 -39.77 -15.41 -15.97
N HIS E 112 -39.15 -15.86 -14.88
CA HIS E 112 -39.49 -17.16 -14.31
C HIS E 112 -40.44 -17.04 -13.11
N HIS E 113 -40.59 -15.82 -12.57
CA HIS E 113 -41.36 -15.63 -11.35
C HIS E 113 -42.18 -14.34 -11.36
N PRO E 114 -43.09 -14.14 -12.36
CA PRO E 114 -43.99 -12.93 -12.32
C PRO E 114 -44.76 -12.74 -11.00
N ALA E 115 -45.18 -13.85 -10.42
CA ALA E 115 -45.88 -13.88 -9.15
C ALA E 115 -45.10 -13.22 -7.98
N GLU E 116 -43.79 -13.46 -7.90
CA GLU E 116 -42.95 -12.95 -6.80
C GLU E 116 -42.48 -11.51 -7.02
N PHE E 117 -42.29 -11.15 -8.28
CA PHE E 117 -41.69 -9.89 -8.69
C PHE E 117 -42.64 -8.69 -8.53
N THR E 118 -43.24 -8.54 -7.35
CA THR E 118 -44.05 -7.37 -7.05
C THR E 118 -43.11 -6.20 -6.81
N PRO E 119 -43.51 -4.98 -7.23
CA PRO E 119 -42.63 -3.80 -7.13
C PRO E 119 -41.71 -3.73 -5.87
N ALA E 120 -42.25 -3.98 -4.68
CA ALA E 120 -41.45 -3.88 -3.44
C ALA E 120 -40.29 -4.87 -3.44
N VAL E 121 -40.55 -6.06 -3.94
CA VAL E 121 -39.52 -7.09 -4.11
C VAL E 121 -38.46 -6.71 -5.19
N HIS E 122 -38.91 -6.34 -6.38
CA HIS E 122 -38.06 -5.75 -7.39
C HIS E 122 -37.11 -4.70 -6.80
N ALA E 123 -37.63 -3.82 -5.95
CA ALA E 123 -36.82 -2.75 -5.36
C ALA E 123 -35.70 -3.33 -4.48
N SER E 124 -36.08 -4.23 -3.59
CA SER E 124 -35.19 -4.79 -2.57
C SER E 124 -34.12 -5.70 -3.18
N LEU E 125 -34.54 -6.47 -4.18
CA LEU E 125 -33.65 -7.19 -5.05
C LEU E 125 -32.65 -6.23 -5.70
N ASP E 126 -33.14 -5.10 -6.25
CA ASP E 126 -32.23 -4.14 -6.87
C ASP E 126 -31.20 -3.59 -5.89
N LYS E 127 -31.64 -3.28 -4.68
CA LYS E 127 -30.73 -2.81 -3.64
C LYS E 127 -29.69 -3.87 -3.22
N PHE E 128 -30.09 -5.15 -3.18
CA PHE E 128 -29.25 -6.26 -2.72
C PHE E 128 -28.14 -6.54 -3.73
N PHE E 129 -28.49 -6.64 -5.00
CA PHE E 129 -27.49 -6.91 -6.01
C PHE E 129 -26.59 -5.73 -6.07
N SER E 130 -27.19 -4.56 -5.89
CA SER E 130 -26.52 -3.29 -5.88
C SER E 130 -25.58 -3.17 -4.69
N ALA E 131 -25.71 -4.03 -3.70
CA ALA E 131 -24.86 -3.95 -2.54
C ALA E 131 -23.74 -5.00 -2.68
N VAL E 132 -24.03 -6.08 -3.37
CA VAL E 132 -23.02 -7.06 -3.58
C VAL E 132 -21.96 -6.44 -4.50
N SER E 133 -22.40 -5.77 -5.57
CA SER E 133 -21.50 -5.07 -6.50
C SER E 133 -20.60 -4.06 -5.80
N THR E 134 -21.16 -3.31 -4.85
CA THR E 134 -20.37 -2.33 -4.10
C THR E 134 -19.35 -3.02 -3.23
N VAL E 135 -19.63 -4.22 -2.78
CA VAL E 135 -18.63 -4.91 -1.99
C VAL E 135 -17.57 -5.58 -2.85
N LEU E 136 -17.92 -5.98 -4.07
CA LEU E 136 -16.99 -6.63 -5.00
C LEU E 136 -16.07 -5.66 -5.77
N THR E 137 -16.31 -4.36 -5.63
CA THR E 137 -15.55 -3.32 -6.34
C THR E 137 -15.15 -2.21 -5.36
N SER E 138 -13.86 -2.08 -5.04
CA SER E 138 -13.45 -1.04 -4.06
C SER E 138 -12.11 -1.32 -3.39
N PHE F 1 -31.03 1.50 -38.38
CA PHE F 1 -30.40 1.54 -37.03
C PHE F 1 -30.45 0.19 -36.30
N LEU F 2 -31.54 -0.53 -36.50
CA LEU F 2 -31.67 -1.93 -36.06
C LEU F 2 -31.57 -2.84 -37.28
N THR F 3 -31.04 -4.05 -37.10
CA THR F 3 -31.04 -5.03 -38.20
C THR F 3 -32.49 -5.44 -38.50
N ALA F 4 -32.64 -6.11 -39.65
CA ALA F 4 -33.91 -6.63 -40.12
C ALA F 4 -34.65 -7.38 -39.00
N GLU F 5 -34.04 -8.48 -38.58
CA GLU F 5 -34.50 -9.32 -37.48
C GLU F 5 -34.88 -8.53 -36.23
N GLU F 6 -33.99 -7.60 -35.87
CA GLU F 6 -34.18 -6.73 -34.71
C GLU F 6 -35.50 -5.95 -34.81
N LYS F 7 -35.67 -5.26 -35.94
CA LYS F 7 -36.88 -4.48 -36.18
C LYS F 7 -38.14 -5.34 -36.14
N GLY F 8 -38.02 -6.59 -36.60
CA GLY F 8 -39.11 -7.57 -36.50
C GLY F 8 -39.32 -8.04 -35.07
N LEU F 9 -38.26 -8.55 -34.47
CA LEU F 9 -38.24 -8.99 -33.08
C LEU F 9 -38.94 -7.96 -32.19
N VAL F 10 -38.59 -6.69 -32.38
CA VAL F 10 -39.15 -5.61 -31.55
C VAL F 10 -40.60 -5.27 -31.88
N ASN F 11 -40.88 -5.05 -33.16
CA ASN F 11 -42.24 -4.74 -33.58
C ASN F 11 -43.16 -5.91 -33.32
N GLY F 12 -42.69 -7.11 -33.63
CA GLY F 12 -43.40 -8.34 -33.29
C GLY F 12 -43.89 -8.26 -31.87
N LEU F 13 -42.96 -8.06 -30.94
CA LEU F 13 -43.27 -8.01 -29.51
C LEU F 13 -44.08 -6.79 -29.07
N TRP F 14 -43.70 -5.62 -29.60
CA TRP F 14 -44.38 -4.37 -29.29
C TRP F 14 -45.84 -4.41 -29.77
N GLY F 15 -46.03 -4.89 -31.00
CA GLY F 15 -47.35 -4.99 -31.61
C GLY F 15 -48.42 -5.71 -30.81
N LYS F 16 -48.08 -6.20 -29.63
CA LYS F 16 -49.05 -6.90 -28.80
C LYS F 16 -49.01 -6.44 -27.34
N VAL F 17 -48.23 -5.39 -27.07
CA VAL F 17 -48.10 -4.85 -25.70
C VAL F 17 -49.37 -4.14 -25.30
N ASN F 18 -49.86 -4.48 -24.11
CA ASN F 18 -51.06 -3.89 -23.56
C ASN F 18 -50.84 -2.39 -23.29
N VAL F 19 -50.69 -1.64 -24.40
CA VAL F 19 -49.99 -0.34 -24.42
C VAL F 19 -50.11 0.55 -23.18
N ASP F 20 -51.32 0.75 -22.66
CA ASP F 20 -51.49 1.73 -21.59
C ASP F 20 -51.40 1.18 -20.14
N GLU F 21 -51.70 -0.11 -19.93
CA GLU F 21 -51.51 -0.75 -18.62
C GLU F 21 -50.02 -0.78 -18.23
N VAL F 22 -49.21 -1.32 -19.13
CA VAL F 22 -47.75 -1.34 -19.01
C VAL F 22 -47.14 0.06 -18.82
N GLY F 23 -47.73 1.04 -19.50
CA GLY F 23 -47.38 2.45 -19.37
C GLY F 23 -47.14 2.85 -17.93
N GLY F 24 -48.20 2.85 -17.14
CA GLY F 24 -48.14 3.24 -15.72
C GLY F 24 -47.73 2.16 -14.72
N GLU F 25 -47.08 1.10 -15.20
CA GLU F 25 -46.48 0.12 -14.30
C GLU F 25 -44.97 0.29 -14.33
N ALA F 26 -44.48 0.67 -15.51
CA ALA F 26 -43.09 1.07 -15.65
C ALA F 26 -42.86 2.27 -14.75
N LEU F 27 -43.65 3.32 -14.95
CA LEU F 27 -43.51 4.56 -14.20
C LEU F 27 -43.74 4.32 -12.72
N GLY F 28 -44.75 3.50 -12.43
CA GLY F 28 -45.07 3.09 -11.07
C GLY F 28 -43.88 2.45 -10.40
N ARG F 29 -43.20 1.55 -11.13
CA ARG F 29 -41.99 0.89 -10.63
C ARG F 29 -40.79 1.83 -10.48
N LEU F 30 -40.58 2.70 -11.47
CA LEU F 30 -39.51 3.72 -11.46
C LEU F 30 -39.50 4.59 -10.19
N LEU F 31 -40.70 4.92 -9.72
CA LEU F 31 -40.90 5.63 -8.46
C LEU F 31 -40.67 4.77 -7.23
N VAL F 32 -41.01 3.48 -7.29
CA VAL F 32 -40.72 2.58 -6.17
C VAL F 32 -39.23 2.26 -6.03
N VAL F 33 -38.63 1.80 -7.11
CA VAL F 33 -37.26 1.26 -7.08
C VAL F 33 -36.20 2.34 -6.85
N TYR F 34 -36.45 3.53 -7.40
CA TYR F 34 -35.54 4.66 -7.31
C TYR F 34 -36.23 5.85 -6.66
N PRO F 35 -36.49 5.76 -5.34
CA PRO F 35 -37.26 6.73 -4.57
C PRO F 35 -36.97 8.17 -4.99
N TRP F 36 -35.71 8.56 -5.06
CA TRP F 36 -35.34 9.95 -5.37
C TRP F 36 -35.92 10.53 -6.65
N THR F 37 -36.47 9.68 -7.53
CA THR F 37 -37.19 10.17 -8.71
C THR F 37 -38.47 10.87 -8.29
N GLN F 38 -39.02 10.44 -7.14
CA GLN F 38 -40.20 11.04 -6.50
C GLN F 38 -40.05 12.53 -6.44
N ARG F 39 -38.90 12.98 -5.93
CA ARG F 39 -38.53 14.38 -5.98
C ARG F 39 -39.18 15.13 -7.17
N PHE F 40 -39.16 14.54 -8.36
CA PHE F 40 -39.61 15.21 -9.58
C PHE F 40 -41.13 15.27 -9.81
N PHE F 41 -41.85 14.34 -9.21
CA PHE F 41 -43.26 14.27 -9.52
C PHE F 41 -44.07 14.72 -8.32
N GLU F 42 -43.54 15.72 -7.60
CA GLU F 42 -44.14 16.27 -6.38
C GLU F 42 -45.63 16.54 -6.59
N SER F 43 -45.98 17.18 -7.70
CA SER F 43 -47.37 17.55 -8.00
C SER F 43 -48.24 16.39 -8.53
N PHE F 44 -48.10 15.21 -7.91
CA PHE F 44 -48.81 13.98 -8.33
C PHE F 44 -49.61 13.37 -7.19
N GLY F 45 -49.18 13.59 -5.95
CA GLY F 45 -49.97 13.20 -4.78
C GLY F 45 -49.35 12.29 -3.73
N ASP F 46 -50.13 11.31 -3.29
CA ASP F 46 -49.73 10.42 -2.18
C ASP F 46 -48.73 9.35 -2.66
N LEU F 47 -47.44 9.55 -2.35
CA LEU F 47 -46.37 8.65 -2.79
C LEU F 47 -45.70 7.93 -1.63
N SER F 48 -46.25 8.11 -0.43
CA SER F 48 -45.63 7.65 0.83
C SER F 48 -45.41 6.13 0.97
N SER F 49 -46.25 5.31 0.33
CA SER F 49 -46.12 3.84 0.42
C SER F 49 -45.84 3.16 -0.95
N ALA F 50 -45.65 1.84 -0.92
CA ALA F 50 -45.50 1.04 -2.14
C ALA F 50 -46.80 1.05 -2.98
N ASP F 51 -47.92 0.77 -2.31
CA ASP F 51 -49.25 0.64 -2.93
C ASP F 51 -49.86 1.98 -3.32
N ALA F 52 -49.63 2.99 -2.48
CA ALA F 52 -50.04 4.35 -2.78
C ALA F 52 -49.64 4.72 -4.21
N ILE F 53 -48.37 4.49 -4.54
CA ILE F 53 -47.79 4.81 -5.87
C ILE F 53 -48.38 3.96 -7.00
N MET F 54 -48.51 2.65 -6.78
CA MET F 54 -49.04 1.77 -7.83
C MET F 54 -50.49 2.11 -8.20
N SER F 55 -51.28 2.50 -7.17
CA SER F 55 -52.67 2.99 -7.31
C SER F 55 -52.83 4.30 -8.10
N ASN F 56 -52.19 5.36 -7.58
CA ASN F 56 -52.25 6.74 -8.12
C ASN F 56 -52.63 6.98 -9.62
N ALA F 57 -53.74 7.69 -9.80
CA ALA F 57 -54.35 8.00 -11.12
C ALA F 57 -53.50 8.89 -12.03
N LYS F 58 -52.72 9.80 -11.44
CA LYS F 58 -51.84 10.72 -12.21
C LYS F 58 -50.61 10.00 -12.77
N VAL F 59 -50.13 9.02 -12.01
CA VAL F 59 -48.98 8.19 -12.41
C VAL F 59 -49.27 7.27 -13.61
N LYS F 60 -50.35 6.49 -13.51
CA LYS F 60 -50.83 5.65 -14.62
C LYS F 60 -51.05 6.52 -15.86
N ALA F 61 -51.56 7.72 -15.63
CA ALA F 61 -51.77 8.68 -16.69
C ALA F 61 -50.45 9.09 -17.34
N HIS F 62 -49.45 9.48 -16.50
CA HIS F 62 -48.14 9.83 -17.05
C HIS F 62 -47.61 8.65 -17.86
N GLY F 63 -47.50 7.50 -17.21
CA GLY F 63 -47.16 6.25 -17.88
C GLY F 63 -47.58 6.20 -19.34
N LYS F 64 -48.87 6.37 -19.59
CA LYS F 64 -49.39 6.30 -20.96
C LYS F 64 -48.62 7.20 -21.90
N LYS F 65 -48.50 8.48 -21.54
CA LYS F 65 -47.79 9.46 -22.38
C LYS F 65 -46.34 9.06 -22.66
N VAL F 66 -45.61 8.64 -21.62
CA VAL F 66 -44.22 8.15 -21.77
C VAL F 66 -44.11 6.99 -22.77
N LEU F 67 -45.10 6.09 -22.78
CA LEU F 67 -45.13 5.01 -23.78
C LEU F 67 -45.61 5.41 -25.18
N ASN F 68 -46.48 6.41 -25.27
CA ASN F 68 -46.89 6.94 -26.57
C ASN F 68 -45.69 7.48 -27.34
N SER F 69 -44.84 8.24 -26.65
CA SER F 69 -43.58 8.72 -27.24
C SER F 69 -42.59 7.58 -27.50
N PHE F 70 -42.82 6.44 -26.84
CA PHE F 70 -42.00 5.27 -27.09
C PHE F 70 -42.37 4.67 -28.43
N SER F 71 -43.67 4.61 -28.67
CA SER F 71 -44.21 4.13 -29.93
C SER F 71 -43.70 4.89 -31.16
N ASP F 72 -43.79 6.24 -31.18
CA ASP F 72 -43.23 6.99 -32.33
C ASP F 72 -41.78 6.61 -32.50
N GLY F 73 -41.07 6.56 -31.37
CA GLY F 73 -39.70 6.11 -31.37
C GLY F 73 -39.57 4.91 -32.29
N LEU F 74 -40.29 3.85 -31.96
CA LEU F 74 -40.24 2.64 -32.76
C LEU F 74 -40.59 2.95 -34.20
N LYS F 75 -41.79 3.48 -34.41
CA LYS F 75 -42.29 3.83 -35.75
C LYS F 75 -41.34 4.75 -36.49
N ASN F 76 -40.56 5.52 -35.75
CA ASN F 76 -39.57 6.46 -36.30
C ASN F 76 -38.12 6.12 -35.89
N ILE F 77 -37.84 4.85 -35.56
CA ILE F 77 -36.47 4.39 -35.16
C ILE F 77 -35.35 4.93 -36.05
N ASP F 78 -35.71 5.21 -37.30
CA ASP F 78 -34.85 5.78 -38.34
C ASP F 78 -34.26 7.14 -37.96
N ASP F 79 -35.06 7.91 -37.24
CA ASP F 79 -34.67 9.24 -36.84
C ASP F 79 -35.15 9.44 -35.40
N LEU F 80 -34.33 9.04 -34.42
CA LEU F 80 -34.74 9.15 -33.01
C LEU F 80 -34.52 10.53 -32.44
N LYS F 81 -33.44 11.18 -32.87
CA LYS F 81 -33.14 12.55 -32.48
C LYS F 81 -34.33 13.45 -32.83
N GLY F 82 -34.93 13.20 -34.00
CA GLY F 82 -36.10 13.95 -34.45
C GLY F 82 -37.35 13.72 -33.61
N ALA F 83 -37.68 12.46 -33.36
CA ALA F 83 -38.87 12.16 -32.55
C ALA F 83 -38.72 12.57 -31.08
N PHE F 84 -37.52 12.98 -30.68
CA PHE F 84 -37.19 13.23 -29.28
C PHE F 84 -36.56 14.60 -28.94
N ALA F 85 -36.25 15.43 -29.95
CA ALA F 85 -35.71 16.77 -29.68
C ALA F 85 -36.57 17.59 -28.71
N LYS F 86 -37.80 17.88 -29.07
CA LYS F 86 -38.58 18.73 -28.19
C LYS F 86 -38.80 18.10 -26.81
N LEU F 87 -38.75 16.77 -26.73
CA LEU F 87 -38.78 16.10 -25.42
C LEU F 87 -37.44 16.21 -24.68
N SER F 88 -36.33 16.18 -25.46
CA SER F 88 -34.99 16.47 -24.94
C SER F 88 -35.05 17.88 -24.40
N GLU F 89 -35.09 18.88 -25.29
CA GLU F 89 -35.25 20.31 -24.91
C GLU F 89 -36.06 20.55 -23.63
N LEU F 90 -37.16 19.80 -23.48
CA LEU F 90 -38.00 19.94 -22.30
C LEU F 90 -37.28 19.48 -21.03
N HIS F 91 -36.87 18.21 -21.01
CA HIS F 91 -36.26 17.57 -19.82
C HIS F 91 -35.00 18.26 -19.28
N CYS F 92 -34.29 18.97 -20.16
CA CYS F 92 -33.16 19.83 -19.82
C CYS F 92 -33.61 21.21 -19.31
N ASP F 93 -33.99 22.10 -20.24
CA ASP F 93 -34.41 23.49 -19.98
C ASP F 93 -35.49 23.64 -18.89
N LYS F 94 -36.59 22.91 -19.05
CA LYS F 94 -37.74 23.07 -18.14
C LYS F 94 -37.73 22.15 -16.90
N LEU F 95 -37.39 20.89 -17.11
CA LEU F 95 -37.56 19.91 -16.05
C LEU F 95 -36.33 19.60 -15.21
N HIS F 96 -35.15 19.88 -15.77
CA HIS F 96 -33.86 19.79 -15.05
C HIS F 96 -33.51 18.35 -14.60
N VAL F 97 -33.52 17.43 -15.56
CA VAL F 97 -33.40 16.01 -15.23
C VAL F 97 -32.05 15.44 -15.72
N ASP F 98 -31.25 14.91 -14.80
CA ASP F 98 -29.97 14.31 -15.15
C ASP F 98 -30.22 13.11 -16.08
N PRO F 99 -29.67 13.13 -17.32
CA PRO F 99 -29.84 12.04 -18.28
C PRO F 99 -29.47 10.62 -17.81
N GLU F 100 -28.46 10.47 -16.96
CA GLU F 100 -28.22 9.16 -16.35
C GLU F 100 -29.49 8.45 -15.85
N ASN F 101 -30.53 9.21 -15.47
CA ASN F 101 -31.79 8.64 -14.98
C ASN F 101 -32.59 7.98 -16.10
N PHE F 102 -32.40 8.41 -17.35
CA PHE F 102 -33.15 7.84 -18.47
C PHE F 102 -32.96 6.33 -18.51
N ARG F 103 -31.69 5.91 -18.47
CA ARG F 103 -31.32 4.49 -18.38
C ARG F 103 -32.19 3.76 -17.39
N LEU F 104 -32.38 4.34 -16.20
CA LEU F 104 -33.18 3.69 -15.16
C LEU F 104 -34.61 3.43 -15.64
N LEU F 105 -35.21 4.42 -16.32
CA LEU F 105 -36.54 4.20 -16.84
C LEU F 105 -36.55 3.08 -17.87
N GLY F 106 -35.76 3.23 -18.94
CA GLY F 106 -35.57 2.16 -19.93
C GLY F 106 -35.28 0.79 -19.35
N ASN F 107 -34.57 0.75 -18.22
CA ASN F 107 -34.27 -0.46 -17.45
C ASN F 107 -35.47 -1.03 -16.76
N VAL F 108 -36.38 -0.15 -16.35
CA VAL F 108 -37.60 -0.60 -15.71
C VAL F 108 -38.60 -0.98 -16.79
N LEU F 109 -38.55 -0.30 -17.91
CA LEU F 109 -39.37 -0.67 -19.03
C LEU F 109 -39.06 -2.07 -19.52
N VAL F 110 -37.76 -2.39 -19.56
CA VAL F 110 -37.29 -3.68 -20.06
C VAL F 110 -37.54 -4.71 -18.96
N CYS F 111 -37.37 -4.29 -17.72
CA CYS F 111 -37.68 -5.18 -16.61
C CYS F 111 -39.18 -5.55 -16.59
N VAL F 112 -40.04 -4.56 -16.87
CA VAL F 112 -41.50 -4.75 -16.90
C VAL F 112 -41.96 -5.69 -18.02
N LEU F 113 -41.46 -5.50 -19.25
CA LEU F 113 -41.80 -6.37 -20.38
C LEU F 113 -41.58 -7.86 -20.03
N ALA F 114 -40.55 -8.13 -19.23
CA ALA F 114 -40.20 -9.49 -18.82
C ALA F 114 -41.20 -10.03 -17.83
N HIS F 115 -41.88 -9.15 -17.13
CA HIS F 115 -42.93 -9.54 -16.18
C HIS F 115 -44.18 -10.02 -16.94
N HIS F 116 -44.39 -9.44 -18.12
CA HIS F 116 -45.55 -9.74 -18.94
C HIS F 116 -45.35 -10.89 -19.89
N PHE F 117 -44.16 -11.04 -20.47
CA PHE F 117 -43.98 -12.07 -21.50
C PHE F 117 -43.06 -13.24 -21.12
N GLY F 118 -43.09 -13.69 -19.87
CA GLY F 118 -42.27 -14.85 -19.43
C GLY F 118 -41.20 -15.32 -20.40
N HIS F 119 -41.34 -16.54 -20.90
CA HIS F 119 -40.33 -17.17 -21.75
C HIS F 119 -40.26 -16.57 -23.16
N ASP F 120 -41.36 -15.93 -23.57
CA ASP F 120 -41.45 -15.25 -24.87
C ASP F 120 -40.47 -14.07 -25.05
N PHE F 121 -39.84 -13.67 -23.94
CA PHE F 121 -38.91 -12.55 -23.89
C PHE F 121 -37.54 -13.12 -23.56
N ASN F 122 -36.79 -13.47 -24.59
CA ASN F 122 -35.59 -14.27 -24.42
C ASN F 122 -34.36 -13.45 -24.75
N PRO F 123 -33.15 -14.03 -24.52
CA PRO F 123 -31.89 -13.31 -24.72
C PRO F 123 -31.92 -12.46 -25.97
N GLN F 124 -32.52 -13.00 -27.03
CA GLN F 124 -32.51 -12.35 -28.31
C GLN F 124 -33.43 -11.13 -28.38
N VAL F 125 -34.61 -11.24 -27.78
CA VAL F 125 -35.60 -10.16 -27.87
C VAL F 125 -35.26 -9.02 -26.91
N GLN F 126 -34.87 -9.36 -25.68
CA GLN F 126 -34.28 -8.37 -24.76
C GLN F 126 -33.16 -7.54 -25.43
N ALA F 127 -32.15 -8.21 -26.01
CA ALA F 127 -31.00 -7.53 -26.64
C ALA F 127 -31.41 -6.46 -27.66
N ALA F 128 -32.58 -6.62 -28.27
CA ALA F 128 -33.06 -5.65 -29.24
C ALA F 128 -33.79 -4.51 -28.57
N PHE F 129 -34.39 -4.81 -27.43
CA PHE F 129 -35.00 -3.75 -26.63
C PHE F 129 -33.94 -2.95 -25.90
N GLN F 130 -32.78 -3.57 -25.72
CA GLN F 130 -31.61 -2.88 -25.18
C GLN F 130 -31.06 -1.80 -26.14
N LYS F 131 -31.06 -2.10 -27.43
CA LYS F 131 -30.64 -1.11 -28.42
C LYS F 131 -31.67 0.03 -28.56
N VAL F 132 -32.91 -0.25 -28.20
CA VAL F 132 -33.96 0.73 -28.34
C VAL F 132 -33.94 1.68 -27.17
N VAL F 133 -33.92 1.15 -25.95
CA VAL F 133 -33.96 2.00 -24.78
C VAL F 133 -32.66 2.80 -24.61
N ALA F 134 -31.57 2.26 -25.14
CA ALA F 134 -30.32 2.98 -25.28
C ALA F 134 -30.51 4.07 -26.33
N GLY F 135 -31.13 3.73 -27.45
CA GLY F 135 -31.47 4.74 -28.45
C GLY F 135 -32.36 5.84 -27.87
N VAL F 136 -33.36 5.47 -27.10
CA VAL F 136 -34.29 6.45 -26.58
C VAL F 136 -33.62 7.37 -25.57
N ALA F 137 -32.78 6.78 -24.72
CA ALA F 137 -32.01 7.51 -23.73
C ALA F 137 -31.07 8.48 -24.43
N ASN F 138 -30.30 7.99 -25.40
CA ASN F 138 -29.28 8.79 -26.06
C ASN F 138 -29.82 9.98 -26.84
N ALA F 139 -30.85 9.75 -27.62
CA ALA F 139 -31.46 10.82 -28.39
C ALA F 139 -32.10 11.82 -27.40
N LEU F 140 -32.63 11.32 -26.29
CA LEU F 140 -33.30 12.17 -25.31
C LEU F 140 -32.31 13.08 -24.56
N ALA F 141 -31.02 12.76 -24.66
CA ALA F 141 -29.96 13.55 -24.03
C ALA F 141 -29.40 14.57 -25.00
N HIS F 142 -29.83 14.44 -26.25
CA HIS F 142 -29.19 15.07 -27.38
C HIS F 142 -29.17 16.61 -27.33
N LYS F 143 -30.19 17.23 -26.75
CA LYS F 143 -30.31 18.68 -26.77
C LYS F 143 -29.93 19.36 -25.45
N TYR F 144 -29.50 18.56 -24.47
CA TYR F 144 -28.86 19.10 -23.28
C TYR F 144 -27.65 19.94 -23.69
N HIS F 145 -27.57 21.13 -23.11
CA HIS F 145 -26.60 22.18 -23.48
C HIS F 145 -26.21 22.98 -22.19
N VAL G 1 -5.40 2.67 -1.72
CA VAL G 1 -6.29 3.07 -0.59
C VAL G 1 -5.49 4.05 0.24
N LEU G 2 -4.85 4.95 -0.48
CA LEU G 2 -3.91 5.93 0.05
C LEU G 2 -2.80 5.22 0.80
N SER G 3 -1.70 5.06 0.07
CA SER G 3 -0.45 4.62 0.63
C SER G 3 0.16 5.72 1.52
N ALA G 4 1.38 5.50 2.00
CA ALA G 4 2.03 6.51 2.79
C ALA G 4 2.47 7.58 1.81
N ALA G 5 2.85 7.16 0.61
CA ALA G 5 3.27 8.07 -0.44
C ALA G 5 2.09 9.00 -0.77
N ASP G 6 0.97 8.41 -1.21
CA ASP G 6 -0.23 9.17 -1.54
C ASP G 6 -0.55 10.33 -0.56
N LYS G 7 -0.64 10.07 0.73
CA LYS G 7 -0.97 11.16 1.70
C LYS G 7 0.00 12.34 1.65
N SER G 8 1.30 12.03 1.62
CA SER G 8 2.33 13.08 1.60
C SER G 8 2.38 13.84 0.25
N ASN G 9 2.14 13.15 -0.87
CA ASN G 9 1.97 13.83 -2.15
C ASN G 9 0.80 14.83 -2.10
N VAL G 10 -0.34 14.40 -1.57
CA VAL G 10 -1.47 15.30 -1.43
C VAL G 10 -1.19 16.50 -0.51
N LYS G 11 -0.70 16.25 0.70
CA LYS G 11 -0.40 17.30 1.65
C LYS G 11 0.65 18.28 1.11
N ALA G 12 1.61 17.76 0.34
CA ALA G 12 2.62 18.57 -0.32
C ALA G 12 1.97 19.61 -1.22
N CYS G 13 0.98 19.13 -1.96
CA CYS G 13 0.34 19.86 -3.02
C CYS G 13 -0.59 20.86 -2.47
N TRP G 14 -1.36 20.45 -1.46
CA TRP G 14 -2.37 21.31 -0.91
C TRP G 14 -1.74 22.58 -0.37
N GLY G 15 -0.55 22.47 0.20
CA GLY G 15 0.23 23.61 0.67
C GLY G 15 0.74 24.51 -0.44
N LYS G 16 1.20 23.94 -1.54
CA LYS G 16 1.53 24.73 -2.73
C LYS G 16 0.32 25.44 -3.32
N ILE G 17 -0.87 24.87 -3.12
CA ILE G 17 -2.15 25.55 -3.40
C ILE G 17 -2.47 26.61 -2.33
N GLY G 18 -2.65 26.14 -1.10
CA GLY G 18 -2.96 26.97 0.07
C GLY G 18 -3.87 28.09 -0.37
N SER G 19 -3.38 29.32 -0.20
CA SER G 19 -4.07 30.56 -0.59
C SER G 19 -5.06 30.52 -1.78
N HIS G 20 -4.68 29.87 -2.88
CA HIS G 20 -5.48 29.90 -4.12
C HIS G 20 -6.57 28.83 -4.21
N ALA G 21 -6.74 28.03 -3.15
CA ALA G 21 -7.77 26.99 -3.08
C ALA G 21 -9.10 27.49 -3.62
N GLY G 22 -9.59 28.58 -3.03
CA GLY G 22 -10.87 29.14 -3.41
C GLY G 22 -11.06 29.28 -4.90
N GLU G 23 -10.18 30.06 -5.54
CA GLU G 23 -10.26 30.31 -6.97
C GLU G 23 -10.30 29.03 -7.79
N TYR G 24 -9.58 27.99 -7.36
CA TYR G 24 -9.52 26.76 -8.14
C TYR G 24 -10.80 25.96 -8.04
N GLY G 25 -11.44 26.05 -6.87
CA GLY G 25 -12.75 25.49 -6.67
C GLY G 25 -13.62 26.02 -7.79
N ALA G 26 -13.58 27.34 -7.95
CA ALA G 26 -14.39 28.04 -8.94
C ALA G 26 -14.13 27.56 -10.37
N GLU G 27 -12.87 27.72 -10.77
CA GLU G 27 -12.34 27.22 -12.05
C GLU G 27 -12.78 25.78 -12.35
N ALA G 28 -12.69 24.90 -11.35
CA ALA G 28 -13.01 23.50 -11.55
C ALA G 28 -14.48 23.34 -11.86
N LEU G 29 -15.31 24.08 -11.14
CA LEU G 29 -16.75 24.07 -11.34
C LEU G 29 -17.11 24.60 -12.72
N GLU G 30 -16.47 25.72 -13.07
CA GLU G 30 -16.68 26.36 -14.36
C GLU G 30 -16.34 25.43 -15.49
N ARG G 31 -15.18 24.77 -15.40
CA ARG G 31 -14.79 23.74 -16.37
C ARG G 31 -15.77 22.61 -16.39
N THR G 32 -16.25 22.24 -15.22
CA THR G 32 -17.17 21.13 -15.15
C THR G 32 -18.47 21.41 -15.91
N PHE G 33 -19.01 22.62 -15.74
CA PHE G 33 -20.32 22.96 -16.31
C PHE G 33 -20.18 23.19 -17.81
N CYS G 34 -18.96 23.50 -18.20
CA CYS G 34 -18.65 23.89 -19.54
C CYS G 34 -18.23 22.68 -20.37
N SER G 35 -17.86 21.57 -19.72
CA SER G 35 -17.35 20.40 -20.44
C SER G 35 -18.30 19.25 -20.34
N PHE G 36 -18.99 19.13 -19.21
CA PHE G 36 -20.03 18.12 -19.01
C PHE G 36 -21.29 18.86 -18.61
N PRO G 37 -21.98 19.46 -19.59
CA PRO G 37 -23.20 20.26 -19.32
C PRO G 37 -24.34 19.51 -18.55
N THR G 38 -24.48 18.20 -18.73
CA THR G 38 -25.47 17.53 -17.92
C THR G 38 -25.32 17.86 -16.42
N THR G 39 -24.16 18.38 -16.02
CA THR G 39 -23.89 18.60 -14.60
C THR G 39 -24.62 19.86 -14.14
N LYS G 40 -25.02 20.68 -15.11
CA LYS G 40 -25.82 21.86 -14.83
C LYS G 40 -27.22 21.56 -14.26
N THR G 41 -27.77 20.41 -14.64
CA THR G 41 -29.05 20.00 -14.13
C THR G 41 -29.19 20.06 -12.61
N TYR G 42 -28.11 19.81 -11.87
CA TYR G 42 -28.16 19.87 -10.41
C TYR G 42 -28.17 21.31 -9.89
N PHE G 43 -27.93 22.29 -10.76
CA PHE G 43 -27.82 23.67 -10.30
C PHE G 43 -28.81 24.63 -10.97
N PRO G 44 -30.09 24.28 -10.98
CA PRO G 44 -30.93 25.08 -11.85
C PRO G 44 -31.12 26.49 -11.31
N HIS G 45 -30.91 26.66 -10.02
CA HIS G 45 -31.09 27.95 -9.32
C HIS G 45 -29.88 28.85 -9.46
N PHE G 46 -28.80 28.30 -9.96
CA PHE G 46 -27.62 29.10 -10.15
C PHE G 46 -27.70 29.94 -11.42
N ASP G 47 -27.00 31.06 -11.35
CA ASP G 47 -26.59 31.76 -12.51
C ASP G 47 -25.20 31.18 -12.80
N LEU G 48 -25.07 30.50 -13.95
CA LEU G 48 -23.86 29.77 -14.34
C LEU G 48 -23.05 30.59 -15.30
N SER G 49 -23.49 31.82 -15.56
CA SER G 49 -22.77 32.72 -16.45
C SER G 49 -21.34 32.93 -15.94
N HIS G 50 -20.42 33.31 -16.81
CA HIS G 50 -19.02 33.41 -16.37
C HIS G 50 -18.84 34.59 -15.45
N GLY G 51 -18.10 34.39 -14.36
CA GLY G 51 -17.88 35.44 -13.39
C GLY G 51 -19.00 35.58 -12.38
N SER G 52 -19.93 34.64 -12.40
CA SER G 52 -21.11 34.61 -11.51
C SER G 52 -20.75 34.56 -10.04
N ALA G 53 -21.34 35.45 -9.23
CA ALA G 53 -21.17 35.39 -7.76
C ALA G 53 -21.44 34.02 -7.18
N GLN G 54 -22.46 33.35 -7.69
CA GLN G 54 -22.85 32.08 -7.13
C GLN G 54 -21.81 31.01 -7.40
N VAL G 55 -21.10 31.13 -8.51
CA VAL G 55 -20.09 30.14 -8.83
C VAL G 55 -18.91 30.30 -7.87
N LYS G 56 -18.47 31.54 -7.65
CA LYS G 56 -17.33 31.79 -6.78
C LYS G 56 -17.59 31.34 -5.37
N ALA G 57 -18.75 31.72 -4.84
CA ALA G 57 -19.09 31.34 -3.48
C ALA G 57 -19.15 29.81 -3.34
N HIS G 58 -19.70 29.12 -4.33
CA HIS G 58 -19.69 27.65 -4.32
C HIS G 58 -18.31 27.01 -4.46
N GLY G 59 -17.48 27.56 -5.36
CA GLY G 59 -16.07 27.16 -5.53
C GLY G 59 -15.30 27.13 -4.22
N GLN G 60 -15.52 28.17 -3.41
CA GLN G 60 -15.01 28.23 -2.05
C GLN G 60 -15.48 27.05 -1.18
N LYS G 61 -16.79 26.82 -1.13
CA LYS G 61 -17.32 25.75 -0.31
C LYS G 61 -16.72 24.41 -0.65
N VAL G 62 -16.53 24.13 -1.94
CA VAL G 62 -15.89 22.88 -2.39
C VAL G 62 -14.43 22.86 -1.91
N ALA G 63 -13.71 23.94 -2.20
CA ALA G 63 -12.31 24.04 -1.82
C ALA G 63 -12.09 23.82 -0.31
N ASP G 64 -12.92 24.50 0.49
CA ASP G 64 -12.91 24.37 1.96
C ASP G 64 -13.07 22.91 2.30
N ALA G 65 -14.05 22.25 1.68
CA ALA G 65 -14.40 20.89 2.01
C ALA G 65 -13.26 19.93 1.69
N LEU G 66 -12.56 20.20 0.59
CA LEU G 66 -11.42 19.38 0.17
C LEU G 66 -10.23 19.59 1.08
N THR G 67 -10.13 20.79 1.66
CA THR G 67 -9.05 21.16 2.61
C THR G 67 -9.25 20.51 3.97
N GLN G 68 -10.50 20.33 4.35
CA GLN G 68 -10.85 19.70 5.58
C GLN G 68 -10.66 18.20 5.36
N ALA G 69 -10.81 17.76 4.12
CA ALA G 69 -10.65 16.36 3.75
C ALA G 69 -9.18 16.00 3.71
N VAL G 70 -8.34 16.94 3.30
CA VAL G 70 -6.90 16.75 3.31
C VAL G 70 -6.43 16.63 4.77
N ALA G 71 -6.99 17.47 5.63
CA ALA G 71 -6.67 17.46 7.05
C ALA G 71 -7.01 16.11 7.74
N HIS G 72 -8.19 15.54 7.46
CA HIS G 72 -8.66 14.35 8.17
C HIS G 72 -8.67 13.16 7.26
N MET G 73 -7.60 13.08 6.49
CA MET G 73 -7.33 12.03 5.53
C MET G 73 -7.40 10.66 6.12
N ASP G 74 -7.22 10.60 7.44
CA ASP G 74 -7.24 9.34 8.18
C ASP G 74 -8.63 8.89 8.69
N ASP G 75 -9.61 9.80 8.67
CA ASP G 75 -10.99 9.36 8.78
C ASP G 75 -11.94 10.11 7.88
N LEU G 76 -11.90 9.76 6.59
CA LEU G 76 -12.78 10.38 5.59
C LEU G 76 -14.27 10.14 5.86
N PRO G 77 -14.66 8.88 6.16
CA PRO G 77 -16.07 8.63 6.42
C PRO G 77 -16.66 9.47 7.55
N THR G 78 -15.81 9.97 8.42
CA THR G 78 -16.27 10.73 9.56
C THR G 78 -16.20 12.22 9.29
N ALA G 79 -15.09 12.67 8.70
CA ALA G 79 -14.97 14.06 8.28
C ALA G 79 -16.15 14.53 7.39
N MET G 80 -16.49 13.75 6.38
CA MET G 80 -17.47 14.13 5.36
C MET G 80 -18.81 13.44 5.60
N SER G 81 -19.28 13.43 6.84
CA SER G 81 -20.56 12.76 7.12
C SER G 81 -21.79 13.63 6.81
N ALA G 82 -21.72 14.92 7.13
CA ALA G 82 -22.79 15.87 6.79
C ALA G 82 -22.97 15.91 5.29
N LEU G 83 -21.85 15.91 4.56
CA LEU G 83 -21.85 16.00 3.11
C LEU G 83 -22.25 14.70 2.45
N SER G 84 -22.11 13.60 3.17
CA SER G 84 -22.66 12.31 2.71
C SER G 84 -24.20 12.32 2.67
N ASP G 85 -24.82 12.74 3.77
CA ASP G 85 -26.28 12.88 3.86
C ASP G 85 -26.77 13.79 2.72
N LEU G 86 -26.21 15.00 2.63
CA LEU G 86 -26.47 15.94 1.54
C LEU G 86 -26.42 15.34 0.11
N HIS G 87 -25.26 14.79 -0.27
CA HIS G 87 -24.98 14.40 -1.65
C HIS G 87 -25.59 13.07 -2.03
N ALA G 88 -25.70 12.15 -1.07
CA ALA G 88 -26.33 10.84 -1.30
C ALA G 88 -27.87 10.75 -0.99
N TYR G 89 -28.36 11.39 0.07
CA TYR G 89 -29.82 11.37 0.32
C TYR G 89 -30.60 12.56 -0.23
N LYS G 90 -30.32 13.76 0.32
CA LYS G 90 -31.08 14.98 0.02
C LYS G 90 -31.06 15.44 -1.46
N LEU G 91 -29.90 15.40 -2.11
CA LEU G 91 -29.81 15.71 -3.55
C LEU G 91 -29.77 14.47 -4.43
N ARG G 92 -28.93 13.52 -4.04
CA ARG G 92 -28.71 12.24 -4.76
C ARG G 92 -28.13 12.46 -6.14
N VAL G 93 -27.04 13.21 -6.18
CA VAL G 93 -26.27 13.38 -7.40
C VAL G 93 -25.88 11.97 -7.88
N ASP G 94 -26.07 11.65 -9.16
CA ASP G 94 -25.64 10.34 -9.68
C ASP G 94 -24.15 10.22 -9.75
N PRO G 95 -23.57 9.12 -9.24
CA PRO G 95 -22.12 8.96 -9.19
C PRO G 95 -21.25 9.48 -10.37
N VAL G 96 -21.73 9.39 -11.61
CA VAL G 96 -20.84 9.78 -12.72
C VAL G 96 -20.42 11.25 -12.68
N ASN G 97 -21.20 12.08 -12.02
CA ASN G 97 -20.89 13.49 -12.00
C ASN G 97 -19.65 13.79 -11.18
N PHE G 98 -19.37 12.94 -10.20
CA PHE G 98 -18.16 13.06 -9.43
C PHE G 98 -16.93 12.79 -10.27
N LYS G 99 -17.03 11.84 -11.18
CA LYS G 99 -15.96 11.61 -12.11
C LYS G 99 -15.61 12.89 -12.88
N PHE G 100 -16.62 13.54 -13.45
CA PHE G 100 -16.41 14.77 -14.20
C PHE G 100 -15.76 15.84 -13.33
N LEU G 101 -16.24 16.00 -12.10
CA LEU G 101 -15.74 17.08 -11.27
C LEU G 101 -14.25 16.84 -10.98
N SER G 102 -13.93 15.60 -10.57
CA SER G 102 -12.59 15.21 -10.18
C SER G 102 -11.65 15.40 -11.33
N HIS G 103 -12.15 15.05 -12.52
CA HIS G 103 -11.38 15.23 -13.73
C HIS G 103 -11.02 16.69 -13.93
N CYS G 104 -12.01 17.57 -13.71
CA CYS G 104 -11.85 19.01 -13.92
C CYS G 104 -11.02 19.69 -12.84
N LEU G 105 -11.01 19.08 -11.64
CA LEU G 105 -10.12 19.46 -10.54
C LEU G 105 -8.64 19.17 -10.91
N LEU G 106 -8.39 17.97 -11.45
CA LEU G 106 -7.06 17.61 -11.88
C LEU G 106 -6.61 18.61 -12.93
N VAL G 107 -7.42 18.82 -13.98
CA VAL G 107 -7.13 19.83 -15.02
C VAL G 107 -6.94 21.26 -14.45
N THR G 108 -7.76 21.67 -13.48
CA THR G 108 -7.48 22.96 -12.88
C THR G 108 -6.07 22.97 -12.27
N LEU G 109 -5.73 21.95 -11.48
CA LEU G 109 -4.40 21.89 -10.81
C LEU G 109 -3.22 21.85 -11.77
N ALA G 110 -3.36 21.15 -12.89
CA ALA G 110 -2.34 21.16 -13.94
C ALA G 110 -2.09 22.58 -14.47
N CYS G 111 -3.07 23.18 -15.12
CA CYS G 111 -2.98 24.56 -15.63
C CYS G 111 -2.24 25.59 -14.77
N HIS G 112 -2.21 25.37 -13.45
CA HIS G 112 -1.72 26.37 -12.52
C HIS G 112 -0.41 26.00 -11.84
N HIS G 113 -0.13 24.70 -11.74
CA HIS G 113 1.09 24.26 -11.09
C HIS G 113 1.64 23.09 -11.86
N PRO G 114 2.14 23.35 -13.09
CA PRO G 114 2.66 22.25 -13.90
C PRO G 114 3.96 21.67 -13.30
N ALA G 115 4.73 22.49 -12.60
CA ALA G 115 5.95 21.95 -12.01
C ALA G 115 5.68 20.91 -10.92
N GLU G 116 4.56 21.00 -10.22
CA GLU G 116 4.23 20.02 -9.16
C GLU G 116 3.40 18.84 -9.66
N PHE G 117 2.78 18.97 -10.82
CA PHE G 117 1.87 17.95 -11.32
C PHE G 117 2.70 16.86 -12.04
N THR G 118 3.70 16.31 -11.33
CA THR G 118 4.54 15.22 -11.84
C THR G 118 3.64 14.00 -12.03
N PRO G 119 4.12 12.95 -12.70
CA PRO G 119 3.17 11.84 -12.72
C PRO G 119 2.71 11.29 -11.35
N ALA G 120 3.60 11.15 -10.37
CA ALA G 120 3.21 10.52 -9.10
C ALA G 120 2.14 11.31 -8.29
N VAL G 121 2.35 12.62 -8.18
CA VAL G 121 1.35 13.57 -7.66
C VAL G 121 0.03 13.48 -8.44
N HIS G 122 0.09 13.32 -9.76
CA HIS G 122 -1.11 13.06 -10.55
C HIS G 122 -1.84 11.80 -10.05
N ALA G 123 -1.15 10.66 -10.09
CA ALA G 123 -1.70 9.37 -9.60
C ALA G 123 -2.25 9.44 -8.16
N SER G 124 -1.58 10.18 -7.30
CA SER G 124 -1.99 10.33 -5.92
C SER G 124 -3.27 11.12 -5.79
N LEU G 125 -3.28 12.29 -6.43
CA LEU G 125 -4.42 13.19 -6.39
C LEU G 125 -5.66 12.52 -6.92
N ASP G 126 -5.48 11.72 -7.95
CA ASP G 126 -6.57 10.96 -8.51
C ASP G 126 -7.18 10.01 -7.50
N LYS G 127 -6.36 9.19 -6.82
CA LYS G 127 -6.84 8.29 -5.75
C LYS G 127 -7.66 9.10 -4.75
N PHE G 128 -7.08 10.20 -4.30
CA PHE G 128 -7.69 11.07 -3.31
C PHE G 128 -9.09 11.48 -3.76
N PHE G 129 -9.23 12.14 -4.91
CA PHE G 129 -10.53 12.65 -5.31
C PHE G 129 -11.48 11.50 -5.41
N SER G 130 -10.96 10.37 -5.80
CA SER G 130 -11.75 9.20 -6.01
C SER G 130 -12.22 8.64 -4.67
N ALA G 131 -11.39 8.80 -3.64
CA ALA G 131 -11.70 8.35 -2.29
C ALA G 131 -12.74 9.28 -1.69
N VAL G 132 -12.58 10.58 -1.91
CA VAL G 132 -13.53 11.61 -1.52
C VAL G 132 -14.93 11.40 -2.17
N SER G 133 -14.97 11.01 -3.44
CA SER G 133 -16.25 10.66 -4.07
C SER G 133 -16.92 9.42 -3.49
N THR G 134 -16.18 8.33 -3.22
CA THR G 134 -16.82 7.14 -2.65
C THR G 134 -17.53 7.49 -1.34
N VAL G 135 -16.82 8.26 -0.52
CA VAL G 135 -17.35 8.68 0.77
C VAL G 135 -18.64 9.48 0.54
N LEU G 136 -18.56 10.50 -0.32
CA LEU G 136 -19.69 11.40 -0.60
C LEU G 136 -20.83 10.73 -1.35
N THR G 137 -20.70 9.44 -1.64
CA THR G 137 -21.61 8.79 -2.55
C THR G 137 -22.18 7.49 -1.96
N SER G 138 -22.33 7.44 -0.64
CA SER G 138 -22.77 6.21 0.05
C SER G 138 -23.63 6.47 1.27
N PHE H 1 -20.49 18.07 -36.65
CA PHE H 1 -20.10 17.37 -35.37
C PHE H 1 -19.27 18.28 -34.47
N LEU H 2 -18.43 19.08 -35.08
CA LEU H 2 -17.62 20.02 -34.36
C LEU H 2 -17.75 21.32 -35.12
N THR H 3 -18.48 22.28 -34.57
CA THR H 3 -18.68 23.60 -35.23
C THR H 3 -17.37 24.23 -35.63
N ALA H 4 -17.38 25.18 -36.56
CA ALA H 4 -16.13 25.76 -37.07
C ALA H 4 -15.32 26.53 -36.00
N GLU H 5 -15.96 26.74 -34.85
CA GLU H 5 -15.42 27.48 -33.71
C GLU H 5 -14.62 26.51 -32.84
N GLU H 6 -15.25 25.40 -32.51
CA GLU H 6 -14.55 24.29 -31.87
C GLU H 6 -13.35 23.80 -32.68
N LYS H 7 -13.51 23.73 -34.00
CA LYS H 7 -12.46 23.21 -34.89
C LYS H 7 -11.23 24.12 -34.95
N GLY H 8 -11.45 25.42 -34.82
CA GLY H 8 -10.37 26.39 -34.70
C GLY H 8 -9.62 26.24 -33.40
N LEU H 9 -10.35 26.37 -32.27
CA LEU H 9 -9.80 26.16 -30.91
C LEU H 9 -8.94 24.89 -30.89
N VAL H 10 -9.58 23.72 -31.07
CA VAL H 10 -8.84 22.45 -31.10
C VAL H 10 -7.56 22.51 -31.96
N ASN H 11 -7.74 22.64 -33.28
CA ASN H 11 -6.62 22.73 -34.25
C ASN H 11 -5.52 23.72 -33.84
N GLY H 12 -5.92 24.92 -33.43
CA GLY H 12 -4.96 25.90 -32.94
C GLY H 12 -4.00 25.26 -31.96
N LEU H 13 -4.56 24.65 -30.93
CA LEU H 13 -3.78 24.02 -29.90
C LEU H 13 -2.90 22.90 -30.46
N TRP H 14 -3.50 22.02 -31.28
CA TRP H 14 -2.81 20.83 -31.75
C TRP H 14 -1.58 21.17 -32.61
N GLY H 15 -1.74 22.13 -33.53
CA GLY H 15 -0.65 22.64 -34.35
C GLY H 15 0.66 22.80 -33.61
N LYS H 16 0.56 23.14 -32.33
CA LYS H 16 1.73 23.38 -31.49
C LYS H 16 2.00 22.23 -30.52
N VAL H 17 1.47 21.04 -30.79
CA VAL H 17 1.71 19.92 -29.88
C VAL H 17 2.92 19.16 -30.36
N ASN H 18 3.93 19.06 -29.50
CA ASN H 18 5.09 18.22 -29.78
C ASN H 18 4.71 16.74 -29.76
N VAL H 19 4.27 16.20 -30.90
CA VAL H 19 3.72 14.83 -30.98
C VAL H 19 4.60 13.68 -30.35
N ASP H 20 5.92 13.74 -30.57
CA ASP H 20 6.87 12.80 -29.94
C ASP H 20 6.83 12.82 -28.41
N GLU H 21 7.03 14.01 -27.84
CA GLU H 21 7.19 14.23 -26.40
C GLU H 21 5.89 14.12 -25.57
N VAL H 22 4.75 14.13 -26.27
CA VAL H 22 3.42 14.16 -25.66
C VAL H 22 2.75 12.78 -25.68
N GLY H 23 2.82 12.10 -26.83
CA GLY H 23 2.29 10.73 -26.93
C GLY H 23 2.87 9.79 -25.89
N GLY H 24 4.16 9.95 -25.61
CA GLY H 24 4.84 9.12 -24.64
C GLY H 24 4.37 9.37 -23.23
N GLU H 25 3.89 10.59 -22.98
CA GLU H 25 3.47 11.05 -21.65
C GLU H 25 1.97 10.82 -21.34
N ALA H 26 1.13 10.93 -22.35
CA ALA H 26 -0.24 10.49 -22.24
C ALA H 26 -0.16 9.02 -21.82
N LEU H 27 0.64 8.23 -22.52
CA LEU H 27 0.74 6.80 -22.22
C LEU H 27 1.49 6.45 -20.91
N GLY H 28 2.56 7.17 -20.63
CA GLY H 28 3.29 7.03 -19.37
C GLY H 28 2.37 7.22 -18.19
N ARG H 29 1.55 8.25 -18.23
CA ARG H 29 0.67 8.54 -17.12
C ARG H 29 -0.47 7.53 -17.05
N LEU H 30 -1.10 7.22 -18.19
CA LEU H 30 -2.09 6.15 -18.19
C LEU H 30 -1.65 5.06 -17.20
N LEU H 31 -0.45 4.51 -17.42
CA LEU H 31 0.03 3.36 -16.65
C LEU H 31 0.36 3.68 -15.19
N VAL H 32 0.86 4.87 -14.94
CA VAL H 32 1.20 5.25 -13.54
C VAL H 32 -0.09 5.57 -12.75
N VAL H 33 -1.05 6.20 -13.42
CA VAL H 33 -2.26 6.67 -12.76
C VAL H 33 -3.29 5.55 -12.60
N TYR H 34 -3.26 4.60 -13.53
CA TYR H 34 -4.23 3.54 -13.56
C TYR H 34 -3.52 2.19 -13.71
N PRO H 35 -2.74 1.77 -12.66
CA PRO H 35 -1.75 0.68 -12.67
C PRO H 35 -2.19 -0.62 -13.30
N TRP H 36 -3.45 -0.99 -13.10
CA TRP H 36 -4.00 -2.17 -13.74
C TRP H 36 -3.98 -2.21 -15.29
N THR H 37 -3.59 -1.08 -15.93
CA THR H 37 -3.55 -1.02 -17.40
C THR H 37 -2.35 -1.80 -17.94
N GLN H 38 -1.31 -1.88 -17.09
CA GLN H 38 -0.07 -2.59 -17.37
C GLN H 38 -0.26 -4.08 -17.68
N ARG H 39 -1.18 -4.72 -16.97
CA ARG H 39 -1.69 -6.02 -17.35
C ARG H 39 -1.60 -6.24 -18.88
N PHE H 40 -2.21 -5.33 -19.64
CA PHE H 40 -2.26 -5.36 -21.13
C PHE H 40 -0.90 -5.08 -21.81
N PHE H 41 0.09 -4.65 -21.05
CA PHE H 41 1.36 -4.23 -21.60
C PHE H 41 2.58 -4.89 -20.92
N GLU H 42 2.53 -6.19 -20.58
CA GLU H 42 3.76 -6.85 -20.09
C GLU H 42 4.73 -7.01 -21.25
N SER H 43 4.21 -7.01 -22.47
CA SER H 43 5.04 -7.08 -23.66
C SER H 43 6.15 -6.02 -23.70
N PHE H 44 6.19 -5.15 -22.68
CA PHE H 44 7.00 -3.89 -22.65
C PHE H 44 8.15 -3.81 -21.62
N GLY H 45 8.38 -4.90 -20.89
CA GLY H 45 9.48 -4.95 -19.94
C GLY H 45 9.23 -4.29 -18.59
N ASP H 46 10.13 -3.37 -18.23
CA ASP H 46 10.21 -2.83 -16.87
C ASP H 46 9.18 -1.74 -16.55
N LEU H 47 8.10 -2.15 -15.87
CA LEU H 47 7.03 -1.20 -15.49
C LEU H 47 6.87 -1.03 -13.98
N SER H 48 7.94 -1.30 -13.23
CA SER H 48 7.85 -1.40 -11.77
C SER H 48 7.81 -0.05 -11.06
N SER H 49 8.64 0.90 -11.48
CA SER H 49 8.67 2.20 -10.84
C SER H 49 8.00 3.28 -11.67
N ALA H 50 7.46 4.30 -11.01
CA ALA H 50 6.92 5.47 -11.71
C ALA H 50 7.88 5.96 -12.81
N ASP H 51 9.13 6.22 -12.41
CA ASP H 51 10.19 6.76 -13.28
C ASP H 51 10.68 5.71 -14.29
N ALA H 52 10.72 4.45 -13.87
CA ALA H 52 10.96 3.34 -14.78
C ALA H 52 10.10 3.45 -16.04
N ILE H 53 8.82 3.77 -15.86
CA ILE H 53 7.81 3.88 -16.93
C ILE H 53 7.99 5.15 -17.77
N MET H 54 8.18 6.27 -17.09
CA MET H 54 8.33 7.58 -17.76
C MET H 54 9.56 7.68 -18.68
N SER H 55 10.61 6.91 -18.37
CA SER H 55 11.75 6.76 -19.28
C SER H 55 11.70 5.55 -20.24
N ASN H 56 11.13 4.42 -19.78
CA ASN H 56 10.93 3.22 -20.64
C ASN H 56 10.61 3.55 -22.12
N ALA H 57 11.51 3.14 -23.03
CA ALA H 57 11.51 3.61 -24.43
C ALA H 57 10.46 2.99 -25.39
N LYS H 58 9.92 1.82 -25.04
CA LYS H 58 8.86 1.22 -25.87
C LYS H 58 7.49 1.81 -25.53
N VAL H 59 7.37 2.34 -24.31
CA VAL H 59 6.23 3.17 -23.89
C VAL H 59 6.19 4.38 -24.82
N LYS H 60 7.30 5.12 -24.85
CA LYS H 60 7.46 6.29 -25.74
C LYS H 60 6.97 6.06 -27.18
N ALA H 61 7.41 4.97 -27.80
CA ALA H 61 7.15 4.74 -29.22
C ALA H 61 5.69 4.43 -29.49
N HIS H 62 5.06 3.68 -28.60
CA HIS H 62 3.61 3.38 -28.66
C HIS H 62 2.73 4.63 -28.41
N GLY H 63 3.19 5.52 -27.53
CA GLY H 63 2.56 6.81 -27.29
C GLY H 63 2.47 7.55 -28.60
N LYS H 64 3.64 7.98 -29.11
CA LYS H 64 3.79 8.50 -30.48
C LYS H 64 2.77 7.89 -31.47
N LYS H 65 2.73 6.57 -31.52
CA LYS H 65 1.80 5.83 -32.35
C LYS H 65 0.34 6.12 -31.97
N VAL H 66 0.02 6.02 -30.67
CA VAL H 66 -1.33 6.32 -30.14
C VAL H 66 -1.76 7.76 -30.48
N LEU H 67 -0.84 8.70 -30.25
CA LEU H 67 -1.08 10.11 -30.57
C LEU H 67 -1.31 10.34 -32.04
N ASN H 68 -0.64 9.56 -32.87
CA ASN H 68 -0.81 9.68 -34.31
C ASN H 68 -2.19 9.30 -34.84
N SER H 69 -2.69 8.12 -34.49
CA SER H 69 -4.05 7.75 -34.84
C SER H 69 -5.03 8.85 -34.38
N PHE H 70 -4.64 9.60 -33.35
CA PHE H 70 -5.48 10.69 -32.86
C PHE H 70 -5.45 11.88 -33.80
N SER H 71 -4.25 12.29 -34.20
CA SER H 71 -4.02 13.27 -35.25
C SER H 71 -4.79 12.97 -36.52
N ASP H 72 -4.77 11.71 -36.96
CA ASP H 72 -5.60 11.26 -38.08
C ASP H 72 -7.09 11.26 -37.72
N GLY H 73 -7.42 11.17 -36.43
CA GLY H 73 -8.79 11.43 -35.99
C GLY H 73 -9.21 12.86 -36.36
N LEU H 74 -8.34 13.83 -36.07
CA LEU H 74 -8.60 15.25 -36.32
C LEU H 74 -8.83 15.63 -37.80
N LYS H 75 -8.08 14.99 -38.71
CA LYS H 75 -8.33 15.17 -40.15
C LYS H 75 -9.65 14.57 -40.67
N ASN H 76 -10.05 13.41 -40.14
CA ASN H 76 -11.34 12.76 -40.53
C ASN H 76 -12.45 12.96 -39.52
N ILE H 77 -12.30 14.02 -38.73
CA ILE H 77 -13.18 14.40 -37.61
C ILE H 77 -14.67 14.20 -37.91
N ASP H 78 -15.03 14.27 -39.18
CA ASP H 78 -16.42 14.23 -39.58
C ASP H 78 -17.02 12.88 -39.85
N ASP H 79 -16.17 11.89 -40.11
CA ASP H 79 -16.58 10.52 -39.95
C ASP H 79 -15.58 9.82 -39.08
N LEU H 80 -15.81 9.82 -37.77
CA LEU H 80 -14.93 9.10 -36.84
C LEU H 80 -15.13 7.58 -36.93
N LYS H 81 -16.39 7.15 -37.06
CA LYS H 81 -16.74 5.73 -37.24
C LYS H 81 -15.79 5.02 -38.22
N GLY H 82 -15.93 5.30 -39.52
CA GLY H 82 -15.03 4.76 -40.53
C GLY H 82 -13.56 5.05 -40.26
N ALA H 83 -13.28 6.12 -39.52
CA ALA H 83 -11.90 6.55 -39.28
C ALA H 83 -11.16 5.63 -38.32
N PHE H 84 -11.92 4.96 -37.45
CA PHE H 84 -11.40 4.18 -36.33
C PHE H 84 -11.91 2.75 -36.36
N ALA H 85 -12.72 2.45 -37.37
CA ALA H 85 -13.30 1.13 -37.56
C ALA H 85 -12.26 0.02 -37.53
N LYS H 86 -11.08 0.28 -38.09
CA LYS H 86 -9.98 -0.68 -38.15
C LYS H 86 -9.45 -0.88 -36.74
N LEU H 87 -8.99 0.21 -36.15
CA LEU H 87 -8.47 0.18 -34.80
C LEU H 87 -9.45 -0.38 -33.74
N SER H 88 -10.76 -0.22 -33.94
CA SER H 88 -11.78 -0.76 -33.01
C SER H 88 -11.67 -2.28 -32.86
N GLU H 89 -12.07 -3.00 -33.90
CA GLU H 89 -11.87 -4.45 -34.06
C GLU H 89 -10.57 -5.01 -33.45
N LEU H 90 -9.46 -4.31 -33.67
CA LEU H 90 -8.19 -4.72 -33.07
C LEU H 90 -8.31 -4.83 -31.56
N HIS H 91 -8.56 -3.70 -30.90
CA HIS H 91 -8.74 -3.61 -29.43
C HIS H 91 -9.80 -4.56 -28.83
N CYS H 92 -10.83 -4.88 -29.61
CA CYS H 92 -11.90 -5.84 -29.25
C CYS H 92 -11.52 -7.33 -29.38
N ASP H 93 -11.64 -7.87 -30.59
CA ASP H 93 -11.39 -9.29 -30.91
C ASP H 93 -9.98 -9.79 -30.61
N LYS H 94 -8.97 -8.95 -30.87
CA LYS H 94 -7.59 -9.39 -30.78
C LYS H 94 -6.84 -8.86 -29.57
N LEU H 95 -7.50 -8.06 -28.72
CA LEU H 95 -6.88 -7.42 -27.53
C LEU H 95 -7.73 -7.46 -26.26
N HIS H 96 -9.05 -7.62 -26.43
CA HIS H 96 -9.99 -7.84 -25.31
C HIS H 96 -10.17 -6.71 -24.27
N VAL H 97 -9.86 -5.47 -24.69
CA VAL H 97 -9.90 -4.27 -23.86
C VAL H 97 -11.34 -3.76 -23.67
N ASP H 98 -11.72 -3.54 -22.40
CA ASP H 98 -13.04 -3.01 -22.06
C ASP H 98 -13.07 -1.55 -22.44
N PRO H 99 -13.88 -1.19 -23.43
CA PRO H 99 -13.91 0.17 -23.96
C PRO H 99 -14.08 1.21 -22.87
N GLU H 100 -14.69 0.80 -21.76
CA GLU H 100 -14.77 1.64 -20.58
C GLU H 100 -13.42 2.32 -20.33
N ASN H 101 -12.34 1.61 -20.63
CA ASN H 101 -10.98 2.09 -20.43
C ASN H 101 -10.58 3.26 -21.32
N PHE H 102 -11.26 3.46 -22.44
CA PHE H 102 -10.86 4.52 -23.33
C PHE H 102 -10.99 5.90 -22.69
N ARG H 103 -11.91 6.09 -21.76
CA ARG H 103 -12.04 7.38 -21.06
C ARG H 103 -10.73 7.69 -20.35
N LEU H 104 -10.14 6.67 -19.75
CA LEU H 104 -9.00 6.93 -18.95
C LEU H 104 -7.90 7.56 -19.81
N LEU H 105 -7.69 7.04 -21.02
CA LEU H 105 -6.72 7.65 -21.94
C LEU H 105 -7.11 9.08 -22.38
N GLY H 106 -8.34 9.23 -22.85
CA GLY H 106 -8.90 10.55 -23.17
C GLY H 106 -8.58 11.55 -22.07
N ASN H 107 -8.81 11.12 -20.83
CA ASN H 107 -8.63 11.97 -19.67
C ASN H 107 -7.20 12.30 -19.33
N VAL H 108 -6.33 11.31 -19.51
CA VAL H 108 -4.92 11.51 -19.24
C VAL H 108 -4.39 12.40 -20.35
N LEU H 109 -4.93 12.27 -21.55
CA LEU H 109 -4.50 13.16 -22.63
C LEU H 109 -4.86 14.57 -22.26
N VAL H 110 -6.13 14.82 -21.94
CA VAL H 110 -6.54 16.16 -21.61
C VAL H 110 -5.60 16.73 -20.52
N CYS H 111 -5.24 15.92 -19.55
CA CYS H 111 -4.45 16.41 -18.44
C CYS H 111 -3.07 16.89 -18.85
N VAL H 112 -2.48 16.16 -19.79
CA VAL H 112 -1.17 16.49 -20.33
C VAL H 112 -1.26 17.78 -21.17
N LEU H 113 -2.30 17.90 -21.99
CA LEU H 113 -2.52 19.17 -22.70
C LEU H 113 -2.55 20.33 -21.69
N ALA H 114 -3.41 20.22 -20.69
CA ALA H 114 -3.53 21.20 -19.61
C ALA H 114 -2.20 21.59 -19.02
N HIS H 115 -1.45 20.56 -18.61
CA HIS H 115 -0.07 20.68 -18.08
C HIS H 115 0.85 21.48 -19.02
N HIS H 116 0.91 21.06 -20.29
CA HIS H 116 1.79 21.70 -21.26
C HIS H 116 1.38 23.13 -21.59
N PHE H 117 0.09 23.41 -21.66
CA PHE H 117 -0.36 24.71 -22.15
C PHE H 117 -0.84 25.71 -21.12
N GLY H 118 -1.11 25.27 -19.90
CA GLY H 118 -1.49 26.22 -18.84
C GLY H 118 -2.61 27.17 -19.27
N HIS H 119 -2.41 28.45 -19.07
CA HIS H 119 -3.47 29.43 -19.25
C HIS H 119 -4.26 29.42 -20.60
N ASP H 120 -3.59 29.03 -21.68
CA ASP H 120 -4.20 28.87 -23.01
C ASP H 120 -5.30 27.81 -23.03
N PHE H 121 -5.25 26.88 -22.06
CA PHE H 121 -6.20 25.78 -22.03
C PHE H 121 -7.48 26.20 -21.30
N ASN H 122 -8.16 27.23 -21.82
CA ASN H 122 -9.47 27.76 -21.34
C ASN H 122 -10.46 26.72 -20.90
N PRO H 123 -11.32 27.07 -19.95
CA PRO H 123 -12.53 26.28 -19.89
C PRO H 123 -13.06 25.96 -21.29
N GLN H 124 -12.98 26.92 -22.23
CA GLN H 124 -13.57 26.74 -23.56
C GLN H 124 -12.80 25.90 -24.58
N VAL H 125 -11.46 25.95 -24.52
CA VAL H 125 -10.59 25.06 -25.31
C VAL H 125 -10.79 23.61 -24.84
N GLN H 126 -10.79 23.42 -23.51
CA GLN H 126 -10.98 22.10 -22.90
C GLN H 126 -12.19 21.36 -23.38
N ALA H 127 -13.34 22.05 -23.42
CA ALA H 127 -14.65 21.46 -23.79
C ALA H 127 -14.70 20.84 -25.18
N ALA H 128 -14.02 21.47 -26.12
CA ALA H 128 -13.97 20.96 -27.45
C ALA H 128 -13.13 19.70 -27.43
N PHE H 129 -12.02 19.75 -26.69
CA PHE H 129 -11.17 18.59 -26.58
C PHE H 129 -11.87 17.43 -25.88
N GLN H 130 -12.65 17.75 -24.85
CA GLN H 130 -13.55 16.79 -24.20
C GLN H 130 -14.56 16.17 -25.16
N LYS H 131 -14.95 16.96 -26.15
CA LYS H 131 -15.85 16.51 -27.22
C LYS H 131 -15.12 15.53 -28.11
N VAL H 132 -13.95 15.94 -28.59
CA VAL H 132 -13.13 15.11 -29.47
C VAL H 132 -12.85 13.77 -28.81
N VAL H 133 -12.22 13.83 -27.64
CA VAL H 133 -11.91 12.68 -26.78
C VAL H 133 -13.07 11.67 -26.64
N ALA H 134 -14.25 12.17 -26.33
CA ALA H 134 -15.46 11.37 -26.34
C ALA H 134 -15.73 10.76 -27.73
N GLY H 135 -15.61 11.59 -28.76
CA GLY H 135 -15.84 11.15 -30.13
C GLY H 135 -14.99 9.93 -30.42
N VAL H 136 -13.69 10.06 -30.18
CA VAL H 136 -12.72 8.96 -30.29
C VAL H 136 -13.11 7.76 -29.42
N ALA H 137 -13.30 7.97 -28.12
CA ALA H 137 -13.66 6.87 -27.23
C ALA H 137 -14.84 6.07 -27.74
N ASN H 138 -15.74 6.73 -28.46
CA ASN H 138 -16.97 6.09 -28.92
C ASN H 138 -16.81 5.37 -30.24
N ALA H 139 -16.04 6.00 -31.13
CA ALA H 139 -15.65 5.41 -32.42
C ALA H 139 -14.83 4.12 -32.28
N LEU H 140 -13.86 4.09 -31.35
CA LEU H 140 -13.08 2.87 -31.04
C LEU H 140 -13.96 1.78 -30.45
N ALA H 141 -15.03 2.19 -29.77
CA ALA H 141 -15.88 1.29 -28.99
C ALA H 141 -17.11 0.80 -29.77
N HIS H 142 -17.08 0.99 -31.08
CA HIS H 142 -18.30 0.91 -31.91
C HIS H 142 -18.46 -0.43 -32.62
N LYS H 143 -17.39 -0.89 -33.27
CA LYS H 143 -17.41 -2.18 -33.94
C LYS H 143 -17.05 -3.31 -32.98
N TYR H 144 -17.83 -3.43 -31.91
CA TYR H 144 -17.69 -4.48 -30.91
C TYR H 144 -18.94 -5.33 -31.03
N HIS H 145 -18.93 -6.52 -30.43
CA HIS H 145 -19.95 -7.50 -30.68
C HIS H 145 -19.64 -8.69 -29.81
CHA HEM I . 10.16 -8.07 -2.68
CHB HEM I . 11.06 -12.37 -0.68
CHC HEM I . 12.18 -10.14 3.45
CHD HEM I . 11.14 -5.78 1.53
C1A HEM I . 10.23 -9.42 -2.45
C2A HEM I . 9.73 -10.44 -3.36
C3A HEM I . 9.97 -11.63 -2.80
C4A HEM I . 10.65 -11.41 -1.55
CMA HEM I . 9.57 -12.99 -3.42
CAA HEM I . 8.98 -10.19 -4.67
CBA HEM I . 9.76 -9.48 -5.76
CGA HEM I . 8.91 -9.69 -6.98
O1A HEM I . 9.48 -9.87 -8.08
O2A HEM I . 7.65 -9.70 -6.83
C1B HEM I . 11.41 -12.15 0.63
C2B HEM I . 11.73 -13.19 1.59
C3B HEM I . 12.06 -12.58 2.74
C4B HEM I . 11.95 -11.15 2.54
CMB HEM I . 11.69 -14.71 1.28
CAB HEM I . 12.46 -13.30 4.06
CBB HEM I . 12.45 -14.64 4.19
C1C HEM I . 11.94 -8.77 3.30
C2C HEM I . 11.98 -7.78 4.38
C3C HEM I . 11.69 -6.58 3.85
C4C HEM I . 11.46 -6.76 2.43
CMC HEM I . 12.31 -8.09 5.84
CAC HEM I . 11.60 -5.21 4.60
CBC HEM I . 10.63 -4.95 5.50
C1D HEM I . 10.78 -5.98 0.23
C2D HEM I . 10.36 -4.94 -0.70
C3D HEM I . 10.05 -5.66 -2.02
C4D HEM I . 10.31 -7.05 -1.75
CMD HEM I . 10.24 -3.42 -0.45
CAD HEM I . 9.57 -5.02 -3.34
CBD HEM I . 8.08 -4.70 -3.23
CGD HEM I . 7.57 -4.05 -4.50
O1D HEM I . 6.72 -4.71 -5.16
O2D HEM I . 8.00 -2.90 -4.85
NA HEM I . 10.79 -10.05 -1.36
NB HEM I . 11.56 -10.93 1.24
NC HEM I . 11.63 -8.10 2.13
ND HEM I . 10.74 -7.20 -0.43
FE HEM I . 11.01 -9.02 0.36
CHA HEM J . 18.15 -15.41 37.41
CHB HEM J . 14.59 -13.15 35.01
CHC HEM J . 16.93 -13.31 30.73
CHD HEM J . 20.29 -16.06 33.02
C1A HEM J . 16.94 -14.79 37.14
C2A HEM J . 15.85 -14.54 38.08
C3A HEM J . 14.87 -13.93 37.41
C4A HEM J . 15.30 -13.73 36.03
CMA HEM J . 13.53 -13.50 38.05
CAA HEM J . 15.78 -14.96 39.59
CBA HEM J . 16.83 -14.30 40.50
CGA HEM J . 17.00 -15.02 41.82
O1A HEM J . 16.63 -16.24 41.95
O2A HEM J . 17.52 -14.36 42.78
C1B HEM J . 14.93 -12.94 33.68
C2B HEM J . 14.18 -12.13 32.71
C3B HEM J . 14.81 -12.18 31.54
C4B HEM J . 15.99 -13.02 31.70
CMB HEM J . 12.88 -11.35 33.02
CAB HEM J . 14.37 -11.44 30.26
CBB HEM J . 13.22 -11.73 29.61
C1C HEM J . 18.02 -14.17 30.92
C2C HEM J . 18.84 -14.86 29.92
C3C HEM J . 19.76 -15.60 30.58
C4C HEM J . 19.56 -15.44 32.01
CMC HEM J . 18.72 -14.77 28.37
CAC HEM J . 20.83 -16.48 29.92
CBC HEM J . 21.54 -16.02 28.89
C1D HEM J . 20.01 -16.25 34.38
C2D HEM J . 20.67 -17.18 35.29
C3D HEM J . 20.00 -16.98 36.66
C4D HEM J . 19.00 -15.94 36.45
CMD HEM J . 21.80 -18.21 35.01
CAD HEM J . 20.35 -17.72 37.98
CBD HEM J . 19.96 -19.19 37.98
CGD HEM J . 20.47 -19.82 39.26
O1D HEM J . 19.71 -19.89 40.26
O2D HEM J . 21.64 -20.28 39.28
NA HEM J . 16.55 -14.26 35.92
NB HEM J . 16.01 -13.46 33.02
NC HEM J . 18.49 -14.57 32.18
ND HEM J . 19.05 -15.55 35.10
FE HEM J . 17.42 -14.62 34.11
CHA HEM K . 40.08 -13.76 21.82
CHB HEM K . 40.63 -11.35 17.71
CHC HEM K . 36.31 -9.29 18.34
CHD HEM K . 35.85 -11.59 22.61
C1A HEM K . 40.66 -13.23 20.68
C2A HEM K . 41.99 -13.45 20.21
C3A HEM K . 42.16 -12.77 19.07
C4A HEM K . 40.90 -12.13 18.79
CMA HEM K . 43.42 -12.66 18.19
CAA HEM K . 43.05 -14.26 20.94
CBA HEM K . 42.76 -15.76 20.96
CGA HEM K . 44.01 -16.20 21.69
O1A HEM K . 44.50 -15.44 22.61
O2A HEM K . 44.49 -17.31 21.30
C1B HEM K . 39.51 -10.59 17.50
C2B HEM K . 39.24 -9.71 16.34
C3B HEM K . 38.03 -9.17 16.56
C4B HEM K . 37.53 -9.66 17.81
CMB HEM K . 40.15 -9.47 15.08
CAB HEM K . 37.22 -8.17 15.68
CBB HEM K . 37.65 -7.64 14.54
C1C HEM K . 35.85 -9.71 19.57
C2C HEM K . 34.69 -9.18 20.22
C3C HEM K . 34.56 -9.80 21.38
C4C HEM K . 35.62 -10.77 21.54
CMC HEM K . 33.77 -8.07 19.67
CAC HEM K . 33.40 -9.44 22.39
CBC HEM K . 33.16 -8.18 22.76
C1D HEM K . 36.98 -12.32 22.85
C2D HEM K . 37.24 -13.01 24.10
C3D HEM K . 38.59 -13.73 23.85
C4D HEM K . 38.95 -13.37 22.48
CMD HEM K . 36.28 -12.96 25.31
CAD HEM K . 39.48 -14.64 24.73
CBD HEM K . 39.06 -14.73 26.20
CGD HEM K . 40.33 -14.52 26.93
O1D HEM K . 41.18 -13.74 26.42
O2D HEM K . 40.48 -15.12 28.01
NA HEM K . 40.03 -12.44 19.78
NB HEM K . 38.45 -10.52 18.37
NC HEM K . 36.41 -10.68 20.40
ND HEM K . 37.98 -12.55 21.94
FE HEM K . 38.19 -11.51 20.10
CHA HEM L . 15.77 16.51 6.12
CHB HEM L . 17.77 16.14 10.49
CHC HEM L . 19.34 11.60 9.73
CHD HEM L . 17.37 11.93 5.28
C1A HEM L . 16.15 16.82 7.41
C2A HEM L . 15.89 18.06 8.14
C3A HEM L . 16.45 17.93 9.34
C4A HEM L . 17.09 16.62 9.41
CMA HEM L . 16.41 19.02 10.45
CAA HEM L . 15.10 19.35 7.77
CBA HEM L . 14.97 19.71 6.31
CGA HEM L . 14.49 21.15 6.32
O1A HEM L . 15.36 22.07 6.34
O2A HEM L . 13.23 21.35 6.33
C1B HEM L . 18.33 14.90 10.67
C2B HEM L . 18.98 14.48 11.88
C3B HEM L . 19.43 13.25 11.72
C4B HEM L . 19.08 12.82 10.37
CMB HEM L . 19.12 15.34 13.16
CAB HEM L . 20.19 12.51 12.88
CBB HEM L . 21.08 11.54 12.69
C1C HEM L . 18.96 11.27 8.43
C2C HEM L . 19.21 10.03 7.68
C3C HEM L . 18.64 10.15 6.46
C4C HEM L . 18.03 11.45 6.38
CMC HEM L . 19.99 8.80 8.21
CAC HEM L . 18.59 9.14 5.28
CBC HEM L . 19.67 8.44 4.90
C1D HEM L . 16.84 13.18 5.09
C2D HEM L . 16.28 13.63 3.84
C3D HEM L . 15.77 15.07 4.09
C4D HEM L . 16.07 15.33 5.47
CMD HEM L . 16.22 12.83 2.53
CAD HEM L . 15.09 16.03 3.09
CBD HEM L . 16.14 16.56 2.10
CGD HEM L . 15.54 17.30 0.93
O1D HEM L . 15.10 16.61 -0.02
O2D HEM L . 15.50 18.58 0.92
NA HEM L . 16.90 15.97 8.21
NB HEM L . 18.40 13.87 9.76
NC HEM L . 18.24 12.11 7.59
ND HEM L . 16.69 14.19 6.03
FE HEM L . 17.63 13.93 7.84
CHA HEM M . -15.15 -15.34 -11.34
CHB HEM M . -19.03 -14.17 -8.65
CHC HEM M . -19.81 -10.31 -11.50
CHD HEM M . -16.15 -11.67 -14.39
C1A HEM M . -16.16 -15.42 -10.41
C2A HEM M . -16.41 -16.48 -9.45
C3A HEM M . -17.48 -16.17 -8.71
C4A HEM M . -17.95 -14.87 -9.17
CMA HEM M . -18.10 -17.04 -7.60
CAA HEM M . -15.66 -17.82 -9.28
CBA HEM M . -14.19 -17.73 -8.93
CGA HEM M . -13.71 -19.17 -8.99
O1A HEM M . -12.89 -19.53 -8.09
O2A HEM M . -14.19 -19.94 -9.92
C1B HEM M . -19.57 -13.03 -9.18
C2B HEM M . -20.76 -12.35 -8.71
C3B HEM M . -20.97 -11.28 -9.51
C4B HEM M . -19.91 -11.26 -10.51
CMB HEM M . -21.61 -12.83 -7.52
CAB HEM M . -22.10 -10.21 -9.48
CBB HEM M . -23.11 -10.27 -8.62
C1C HEM M . -18.89 -10.32 -12.52
C2C HEM M . -18.77 -9.30 -13.57
C3C HEM M . -17.77 -9.69 -14.35
C4C HEM M . -17.21 -10.95 -13.84
CMC HEM M . -19.64 -8.02 -13.73
CAC HEM M . -17.24 -8.92 -15.57
CBC HEM M . -17.84 -9.09 -16.73
C1D HEM M . -15.48 -12.75 -13.85
C2D HEM M . -14.24 -13.34 -14.36
C3D HEM M . -13.93 -14.50 -13.41
C4D HEM M . -15.00 -14.48 -12.41
CMD HEM M . -13.42 -12.90 -15.61
CAD HEM M . -12.68 -15.44 -13.52
CBD HEM M . -13.02 -16.91 -13.31
CGD HEM M . -12.71 -17.76 -14.54
O1D HEM M . -11.90 -18.72 -14.40
O2D HEM M . -13.30 -17.48 -15.62
NA HEM M . -17.11 -14.44 -10.19
NB HEM M . -19.07 -12.33 -10.28
NC HEM M . -17.94 -11.30 -12.72
ND HEM M . -15.87 -13.45 -12.72
FE HEM M . -17.38 -12.95 -11.49
CHA HEM N . -42.46 14.82 -18.67
CHB HEM N . -40.84 11.41 -21.67
CHC HEM N . -37.77 9.87 -18.26
CHD HEM N . -39.24 13.42 -15.25
C1A HEM N . -42.40 13.93 -19.72
C2A HEM N . -43.43 13.72 -20.74
C3A HEM N . -42.96 12.77 -21.57
C4A HEM N . -41.64 12.36 -21.11
CMA HEM N . -43.69 12.19 -22.80
CAA HEM N . -44.81 14.44 -20.83
CBA HEM N . -45.05 15.11 -22.19
CGA HEM N . -46.05 16.25 -22.10
O1A HEM N . -46.46 16.64 -20.98
O2A HEM N . -46.44 16.76 -23.19
C1B HEM N . -39.90 10.67 -21.00
C2B HEM N . -39.22 9.47 -21.50
C3B HEM N . -38.38 9.06 -20.56
C4B HEM N . -38.48 9.96 -19.43
CMB HEM N . -39.44 8.81 -22.89
CAB HEM N . -37.45 7.82 -20.65
CBB HEM N . -36.22 7.89 -21.18
C1C HEM N . -37.88 10.71 -17.18
C2C HEM N . -37.06 10.63 -16.00
C3C HEM N . -37.45 11.60 -15.15
C4C HEM N . -38.55 12.34 -15.78
CMC HEM N . -35.95 9.57 -15.82
CAC HEM N . -36.87 11.90 -13.75
CBC HEM N . -36.99 11.04 -12.75
C1D HEM N . -40.33 14.09 -15.81
C2D HEM N . -41.24 15.05 -15.17
C3D HEM N . -42.24 15.46 -16.26
C4D HEM N . -41.83 14.73 -17.45
CMD HEM N . -41.28 15.59 -13.71
CAD HEM N . -43.43 16.44 -16.14
CBD HEM N . -44.51 15.98 -15.17
CGD HEM N . -45.40 17.18 -15.00
O1D HEM N . -46.49 17.25 -15.61
O2D HEM N . -45.00 18.11 -14.27
NA HEM N . -41.34 13.09 -19.98
NB HEM N . -39.42 10.94 -19.73
NC HEM N . -38.77 11.75 -17.03
ND HEM N . -40.72 13.94 -17.15
FE HEM N . -40.27 12.38 -18.45
CHA HEM O . -23.49 21.11 -2.00
CHB HEM O . -18.80 19.93 -1.98
CHC HEM O . -19.50 16.92 -5.74
CHD HEM O . -23.69 19.15 -6.50
C1A HEM O . -22.17 21.02 -1.60
C2A HEM O . -21.58 21.55 -0.37
C3A HEM O . -20.26 21.22 -0.39
C4A HEM O . -20.00 20.46 -1.59
CMA HEM O . -19.18 21.55 0.67
CAA HEM O . -22.33 22.34 0.72
CBA HEM O . -22.65 23.75 0.25
CGA HEM O . -23.29 24.60 1.33
O1A HEM O . -23.62 25.80 1.07
O2A HEM O . -23.48 24.09 2.49
C1B HEM O . -18.61 18.93 -2.89
C2B HEM O . -17.45 18.07 -3.00
C3B HEM O . -17.64 17.25 -4.05
C4B HEM O . -18.94 17.55 -4.64
CMB HEM O . -16.20 18.10 -2.07
CAB HEM O . -16.68 16.14 -4.54
CBB HEM O . -15.47 16.44 -4.99
C1C HEM O . -20.65 17.34 -6.38
C2C HEM O . -21.09 17.05 -7.74
C3C HEM O . -22.24 17.68 -7.97
C4C HEM O . -22.58 18.38 -6.73
CMC HEM O . -20.36 16.18 -8.79
CAC HEM O . -23.05 17.66 -9.29
CBC HEM O . -22.52 17.88 -10.51
C1D HEM O . -24.01 19.89 -5.36
C2D HEM O . -25.18 20.73 -5.28
C3D HEM O . -25.13 21.35 -3.88
C4D HEM O . -23.94 20.81 -3.26
CMD HEM O . -26.24 20.96 -6.38
CAD HEM O . -26.17 22.35 -3.32
CBD HEM O . -26.03 23.61 -4.16
CGD HEM O . -26.57 24.79 -3.38
O1D HEM O . -25.86 25.81 -3.22
O2D HEM O . -27.73 24.67 -2.91
NA HEM O . -21.17 20.36 -2.31
NB HEM O . -19.50 18.57 -3.89
NC HEM O . -21.61 18.15 -5.80
ND HEM O . -23.31 19.96 -4.17
FE HEM O . -21.34 19.18 -4.03
CHA HEM P . -2.28 -0.77 -29.71
CHB HEM P . -4.85 3.31 -30.43
CHC HEM P . -6.85 2.99 -26.02
CHD HEM P . -4.44 -1.15 -25.30
C1A HEM P . -2.73 0.41 -30.30
C2A HEM P . -2.29 1.04 -31.55
C3A HEM P . -3.02 2.16 -31.72
C4A HEM P . -3.94 2.30 -30.61
CMA HEM P . -2.89 3.15 -32.90
CAA HEM P . -1.17 0.56 -32.53
CBA HEM P . -1.09 -0.95 -32.72
CGA HEM P . -1.05 -1.32 -34.19
O1A HEM P . -0.16 -0.83 -34.94
O2A HEM P . -1.91 -2.14 -34.59
C1B HEM P . -5.55 3.64 -29.29
C2B HEM P . -6.26 4.89 -29.02
C3B HEM P . -6.81 4.79 -27.80
C4B HEM P . -6.49 3.48 -27.26
CMB HEM P . -6.37 6.13 -29.93
CAB HEM P . -7.64 5.92 -27.13
CBB HEM P . -8.35 5.73 -26.01
C1C HEM P . -6.33 1.87 -25.39
C2C HEM P . -6.50 1.47 -23.99
C3C HEM P . -5.82 0.33 -23.83
C4C HEM P . -5.22 -0.04 -25.09
CMC HEM P . -7.31 2.24 -22.92
CAC HEM P . -5.66 -0.53 -22.57
CBC HEM P . -5.76 -0.02 -21.34
C1D HEM P . -3.65 -1.46 -26.39
C2D HEM P . -2.83 -2.65 -26.49
C3D HEM P . -2.15 -2.53 -27.87
C4D HEM P . -2.63 -1.29 -28.46
CMD HEM P . -2.68 -3.77 -25.43
CAD HEM P . -1.19 -3.57 -28.47
CBD HEM P . 0.16 -2.96 -28.79
CGD HEM P . 1.07 -4.15 -28.98
O1D HEM P . 1.63 -4.64 -27.95
O2D HEM P . 1.22 -4.62 -30.15
NA HEM P . -3.74 1.22 -29.76
NB HEM P . -5.72 2.81 -28.20
NC HEM P . -5.55 0.93 -26.02
ND HEM P . -3.51 -0.69 -27.54
FE HEM P . -4.64 1.09 -27.86
#